data_6BRX
#
_entry.id   6BRX
#
_cell.length_a   66.690
_cell.length_b   129.060
_cell.length_c   168.088
_cell.angle_alpha   90.00
_cell.angle_beta   90.00
_cell.angle_gamma   90.00
#
_symmetry.space_group_name_H-M   'P 21 21 21'
#
loop_
_entity.id
_entity.type
_entity.pdbx_description
1 polymer 'DNA polymerase kappa'
2 polymer "DNA (5'-D(P*TP*AP*CP*AP*TP*AP*CP*AP*C)-3')"
3 polymer "DNA (5'-D(*TP*AP*TP*GP*GP*TP*GP*TP*AP*TP*GP*TP*A)-3')"
4 non-polymer 'MAGNESIUM ION'
5 non-polymer "2'-deoxy-5'-O-[(R)-hydroxy{[(R)-hydroxy(phosphonooxy)phosphoryl]amino}phosphoryl]cytidine"
6 non-polymer DI(HYDROXYETHYL)ETHER
7 non-polymer Cisplatin
8 water water
#
loop_
_entity_poly.entity_id
_entity_poly.type
_entity_poly.pdbx_seq_one_letter_code
_entity_poly.pdbx_strand_id
1 'polypeptide(L)'
;MSYYHHHHHHDYDIPTTENLYFQGAMDSTKEKCDSYKDDLLLRMGLNDNKAGMEGLDKEKINKIIMEATKGSRFYGNELK
KEKQVNQRIENMMQQKAQITSQQLRKAQLQVDRFAMELEQSRNLSNTIVHIDMDAFYAAVEMRDNPELKDKPIAVGSMSM
LSTSNYHARRFGVRAAMPGFIAKRLCPQLIIVPPNFDKYRAVSKEVKEILADYDPNFMAMSLDEAYLNITKHLEERQNWP
EDKRRYFIKMGSSVENDNPGKEVNKLSEHERSISPLLFEESPSDVQPPGDPFQVNFEEQNNPQILQNSVVFGTSAQEVVK
EIRFRIEQKTTLTASAGIAPNTMLAKVCSDKNKPNGQYQILPNRQAVMDFIKDLPIRKVSGIGKVTEKMLKALGIITCTE
LYQQRALLSLLFSETSWHYFLHISLGLGSTHLTRDGERKSMSVERTFSEINKAEEQYSLCQELCSELAQDLQKERLKGRT
VTIKLKNVNFEVKTRASTVSSVVSTAEEIFAIAKELLKTEIDADFPHPLRLRLMGVRISSFPNEEDRKHQQ
;
A,B
2 'polydeoxyribonucleotide' (DT)(DA)(DC)(DA)(DT)(DA)(DC)(DA)(DC) C,P
3 'polydeoxyribonucleotide' (DT)(DA)(DT)(DG)(DG)(DT)(DG)(DT)(DA)(DT)(DG)(DT)(DA) D,T
#
# COMPACT_ATOMS: atom_id res chain seq x y z
N GLU A 54 -23.91 -20.79 9.68
CA GLU A 54 -24.67 -19.49 9.89
C GLU A 54 -24.87 -18.77 8.56
N GLY A 55 -25.61 -17.66 8.61
CA GLY A 55 -25.83 -16.81 7.44
C GLY A 55 -26.90 -15.74 7.67
N LEU A 56 -27.35 -15.13 6.57
CA LEU A 56 -28.35 -14.07 6.61
C LEU A 56 -29.45 -14.33 5.60
N ASP A 57 -30.41 -13.41 5.55
CA ASP A 57 -31.57 -13.53 4.70
C ASP A 57 -31.34 -12.80 3.36
N LYS A 58 -31.73 -13.40 2.24
CA LYS A 58 -31.61 -12.77 0.91
C LYS A 58 -32.30 -11.39 0.84
N GLU A 59 -33.25 -11.13 1.73
CA GLU A 59 -33.97 -9.86 1.82
C GLU A 59 -33.50 -8.91 2.93
N LYS A 60 -33.05 -9.46 4.06
CA LYS A 60 -32.46 -8.67 5.14
C LYS A 60 -31.25 -7.92 4.60
N ILE A 61 -30.49 -8.60 3.73
CA ILE A 61 -29.26 -8.08 3.14
C ILE A 61 -29.48 -6.76 2.42
N ASN A 62 -30.21 -6.79 1.30
CA ASN A 62 -30.44 -5.59 0.49
C ASN A 62 -31.04 -4.41 1.29
N LYS A 63 -31.81 -4.73 2.33
CA LYS A 63 -32.32 -3.73 3.28
C LYS A 63 -31.20 -3.05 4.09
N ILE A 64 -30.20 -3.83 4.51
CA ILE A 64 -29.06 -3.30 5.29
C ILE A 64 -28.13 -2.49 4.39
N ILE A 65 -27.92 -2.94 3.14
CA ILE A 65 -27.06 -2.25 2.17
C ILE A 65 -27.66 -0.87 1.92
N MET A 66 -28.91 -0.87 1.43
CA MET A 66 -29.64 0.37 1.11
C MET A 66 -29.64 1.33 2.31
N GLU A 67 -29.94 0.80 3.50
CA GLU A 67 -29.92 1.61 4.75
C GLU A 67 -28.54 2.23 5.03
N ALA A 68 -27.48 1.46 4.77
CA ALA A 68 -26.09 1.90 4.97
C ALA A 68 -25.56 2.80 3.85
N THR A 69 -25.92 2.50 2.60
CA THR A 69 -25.46 3.25 1.45
C THR A 69 -26.26 4.52 1.13
N LYS A 70 -27.58 4.49 1.34
CA LYS A 70 -28.47 5.61 0.95
C LYS A 70 -28.06 6.91 1.62
N GLY A 71 -28.00 7.99 0.84
CA GLY A 71 -27.62 9.30 1.35
C GLY A 71 -26.18 9.69 1.06
N SER A 72 -25.31 8.69 0.92
CA SER A 72 -23.91 8.93 0.58
C SER A 72 -23.77 9.51 -0.82
N ARG A 73 -22.67 10.21 -1.04
CA ARG A 73 -22.35 10.77 -2.35
C ARG A 73 -22.21 9.68 -3.39
N PHE A 74 -21.68 8.52 -2.98
CA PHE A 74 -21.52 7.36 -3.85
C PHE A 74 -22.85 6.88 -4.41
N TYR A 75 -23.84 6.76 -3.53
CA TYR A 75 -25.18 6.29 -3.93
C TYR A 75 -25.84 7.27 -4.90
N GLY A 76 -25.68 8.56 -4.63
CA GLY A 76 -26.13 9.62 -5.53
C GLY A 76 -25.63 9.45 -6.96
N ASN A 77 -24.37 9.06 -7.11
CA ASN A 77 -23.80 8.81 -8.43
C ASN A 77 -24.30 7.52 -9.07
N GLU A 78 -24.57 6.50 -8.25
CA GLU A 78 -25.15 5.23 -8.73
C GLU A 78 -26.57 5.43 -9.30
N LEU A 79 -27.32 6.34 -8.69
CA LEU A 79 -28.64 6.73 -9.21
C LEU A 79 -28.48 7.46 -10.54
N LYS A 80 -27.60 8.46 -10.59
CA LYS A 80 -27.28 9.17 -11.83
C LYS A 80 -26.91 8.23 -12.99
N LYS A 81 -26.24 7.12 -12.65
CA LYS A 81 -25.87 6.08 -13.63
C LYS A 81 -27.04 5.20 -14.04
N GLU A 82 -27.86 4.82 -13.06
CA GLU A 82 -29.04 3.99 -13.33
C GLU A 82 -30.03 4.72 -14.23
N LYS A 83 -30.27 6.00 -13.95
CA LYS A 83 -31.08 6.86 -14.83
C LYS A 83 -30.52 6.90 -16.25
N GLN A 84 -29.20 7.11 -16.37
CA GLN A 84 -28.52 7.15 -17.66
C GLN A 84 -28.65 5.82 -18.43
N VAL A 85 -28.77 4.71 -17.71
CA VAL A 85 -29.00 3.37 -18.31
C VAL A 85 -30.46 3.16 -18.67
N ASN A 86 -31.36 3.49 -17.75
CA ASN A 86 -32.81 3.40 -18.00
C ASN A 86 -33.27 4.21 -19.21
N GLN A 87 -32.66 5.39 -19.38
CA GLN A 87 -32.90 6.21 -20.57
C GLN A 87 -32.42 5.49 -21.83
N ARG A 88 -31.24 4.90 -21.76
CA ARG A 88 -30.65 4.14 -22.87
C ARG A 88 -31.49 2.91 -23.25
N ILE A 89 -32.17 2.32 -22.27
CA ILE A 89 -33.17 1.27 -22.51
C ILE A 89 -34.39 1.86 -23.23
N GLU A 90 -34.96 2.93 -22.67
CA GLU A 90 -36.15 3.59 -23.24
C GLU A 90 -35.94 3.94 -24.72
N ASN A 91 -34.75 4.45 -25.06
CA ASN A 91 -34.38 4.73 -26.47
C ASN A 91 -34.38 3.49 -27.37
N MET A 92 -33.89 2.37 -26.81
CA MET A 92 -33.88 1.10 -27.54
C MET A 92 -35.31 0.60 -27.78
N MET A 93 -36.19 0.79 -26.79
CA MET A 93 -37.60 0.41 -26.92
C MET A 93 -38.37 1.25 -27.95
N GLN A 94 -38.05 2.55 -28.03
CA GLN A 94 -38.56 3.42 -29.10
C GLN A 94 -38.24 2.84 -30.47
N GLN A 95 -37.03 2.31 -30.62
CA GLN A 95 -36.63 1.70 -31.90
C GLN A 95 -37.31 0.36 -32.20
N LYS A 96 -37.54 -0.43 -31.15
CA LYS A 96 -38.24 -1.71 -31.28
C LYS A 96 -39.68 -1.52 -31.79
N ALA A 97 -40.36 -0.49 -31.29
CA ALA A 97 -41.71 -0.11 -31.78
C ALA A 97 -41.73 0.32 -33.26
N GLN A 98 -40.69 1.02 -33.70
CA GLN A 98 -40.53 1.44 -35.11
C GLN A 98 -40.01 0.33 -36.04
N ILE A 99 -39.80 -0.88 -35.50
CA ILE A 99 -39.31 -2.00 -36.29
C ILE A 99 -40.51 -2.64 -37.02
N THR A 100 -40.38 -2.83 -38.34
CA THR A 100 -41.47 -3.39 -39.14
C THR A 100 -41.29 -4.89 -39.32
N SER A 101 -42.42 -5.60 -39.45
CA SER A 101 -42.41 -7.04 -39.70
C SER A 101 -41.66 -7.40 -40.98
N GLN A 102 -41.69 -6.51 -41.97
CA GLN A 102 -40.92 -6.66 -43.20
C GLN A 102 -39.41 -6.62 -42.96
N GLN A 103 -38.97 -5.65 -42.14
CA GLN A 103 -37.56 -5.52 -41.75
C GLN A 103 -37.09 -6.74 -40.96
N LEU A 104 -37.91 -7.17 -40.02
CA LEU A 104 -37.63 -8.37 -39.19
C LEU A 104 -37.35 -9.60 -40.05
N ARG A 105 -38.20 -9.82 -41.06
CA ARG A 105 -38.04 -10.91 -42.05
C ARG A 105 -36.75 -10.77 -42.89
N LYS A 106 -36.47 -9.55 -43.36
CA LYS A 106 -35.26 -9.25 -44.15
C LYS A 106 -33.98 -9.56 -43.35
N ALA A 107 -33.96 -9.14 -42.09
CA ALA A 107 -32.84 -9.38 -41.16
C ALA A 107 -32.69 -10.86 -40.79
N GLN A 108 -33.78 -11.47 -40.36
CA GLN A 108 -33.86 -12.92 -40.08
C GLN A 108 -33.18 -13.78 -41.16
N LEU A 109 -33.40 -13.43 -42.43
CA LEU A 109 -32.77 -14.13 -43.56
C LEU A 109 -31.27 -13.83 -43.68
N GLN A 110 -30.84 -12.63 -43.25
CA GLN A 110 -29.41 -12.25 -43.21
C GLN A 110 -28.65 -12.88 -42.05
N VAL A 111 -29.32 -12.97 -40.91
CA VAL A 111 -28.75 -13.58 -39.70
C VAL A 111 -28.55 -15.09 -39.87
N ASP A 112 -29.60 -15.79 -40.31
CA ASP A 112 -29.54 -17.24 -40.51
C ASP A 112 -28.53 -17.69 -41.58
N ARG A 113 -28.26 -16.81 -42.55
CA ARG A 113 -27.23 -17.04 -43.55
C ARG A 113 -25.84 -16.99 -42.94
N PHE A 114 -25.64 -16.05 -42.02
CA PHE A 114 -24.40 -15.96 -41.23
C PHE A 114 -24.30 -17.07 -40.17
N ALA A 115 -25.42 -17.36 -39.49
CA ALA A 115 -25.51 -18.46 -38.49
C ALA A 115 -25.14 -19.82 -39.07
N MET A 116 -25.56 -20.09 -40.31
CA MET A 116 -25.20 -21.32 -41.04
C MET A 116 -23.69 -21.37 -41.32
N GLU A 117 -23.11 -20.22 -41.69
CA GLU A 117 -21.66 -20.10 -41.89
C GLU A 117 -20.85 -20.44 -40.61
N LEU A 118 -21.36 -19.99 -39.46
CA LEU A 118 -20.75 -20.30 -38.16
C LEU A 118 -20.95 -21.77 -37.74
N GLU A 119 -22.17 -22.24 -37.88
CA GLU A 119 -22.56 -23.60 -37.50
C GLU A 119 -21.77 -24.68 -38.25
N GLN A 120 -21.54 -24.44 -39.54
CA GLN A 120 -20.79 -25.38 -40.38
C GLN A 120 -19.27 -25.34 -40.11
N SER A 121 -18.77 -24.27 -39.51
CA SER A 121 -17.36 -24.17 -39.06
C SER A 121 -17.13 -24.48 -37.57
N ARG A 122 -18.18 -24.93 -36.86
CA ARG A 122 -18.11 -25.28 -35.44
C ARG A 122 -16.97 -26.27 -35.17
N ASN A 123 -16.04 -25.88 -34.31
CA ASN A 123 -14.88 -26.69 -33.99
C ASN A 123 -15.02 -27.37 -32.63
N LEU A 124 -15.19 -28.71 -32.64
CA LEU A 124 -15.30 -29.53 -31.42
C LEU A 124 -14.07 -30.42 -31.14
N SER A 125 -13.00 -30.27 -31.93
CA SER A 125 -11.82 -31.13 -31.82
C SER A 125 -10.84 -30.76 -30.69
N ASN A 126 -10.94 -29.54 -30.15
CA ASN A 126 -10.06 -29.08 -29.05
C ASN A 126 -10.64 -29.30 -27.66
N THR A 127 -9.76 -29.45 -26.66
CA THR A 127 -10.17 -29.61 -25.26
C THR A 127 -9.58 -28.46 -24.43
N ILE A 128 -10.47 -27.64 -23.86
CA ILE A 128 -10.09 -26.40 -23.20
C ILE A 128 -10.47 -26.48 -21.73
N VAL A 129 -9.52 -26.15 -20.87
CA VAL A 129 -9.71 -26.17 -19.43
C VAL A 129 -9.58 -24.75 -18.88
N HIS A 130 -10.56 -24.32 -18.09
CA HIS A 130 -10.44 -23.11 -17.30
C HIS A 130 -10.21 -23.54 -15.86
N ILE A 131 -9.13 -23.08 -15.26
CA ILE A 131 -8.85 -23.30 -13.83
C ILE A 131 -9.09 -21.97 -13.12
N ASP A 132 -9.72 -22.05 -11.95
CA ASP A 132 -10.08 -20.87 -11.19
C ASP A 132 -9.92 -21.21 -9.71
N MET A 133 -9.03 -20.51 -9.02
CA MET A 133 -8.83 -20.76 -7.59
C MET A 133 -10.07 -20.36 -6.81
N ASP A 134 -10.30 -21.09 -5.72
CA ASP A 134 -11.46 -20.91 -4.86
C ASP A 134 -11.13 -19.91 -3.78
N ALA A 135 -11.97 -18.88 -3.64
CA ALA A 135 -11.79 -17.81 -2.65
C ALA A 135 -10.32 -17.36 -2.48
N PHE A 136 -9.62 -17.26 -3.60
CA PHE A 136 -8.15 -17.23 -3.68
C PHE A 136 -7.44 -16.49 -2.55
N TYR A 137 -7.60 -15.18 -2.45
CA TYR A 137 -6.88 -14.38 -1.45
C TYR A 137 -7.23 -14.84 -0.03
N ALA A 138 -8.52 -14.99 0.25
CA ALA A 138 -9.01 -15.41 1.58
C ALA A 138 -8.58 -16.83 1.94
N ALA A 139 -8.52 -17.70 0.94
CA ALA A 139 -8.06 -19.07 1.13
C ALA A 139 -6.60 -19.11 1.58
N VAL A 140 -5.78 -18.22 1.01
CA VAL A 140 -4.36 -18.12 1.38
C VAL A 140 -4.21 -17.66 2.82
N GLU A 141 -5.00 -16.66 3.23
CA GLU A 141 -4.97 -16.15 4.60
C GLU A 141 -5.50 -17.16 5.61
N MET A 142 -6.47 -17.97 5.16
CA MET A 142 -6.98 -19.09 5.94
C MET A 142 -5.93 -20.17 6.10
N ARG A 143 -5.22 -20.47 5.01
CA ARG A 143 -4.14 -21.47 5.02
C ARG A 143 -3.06 -21.21 6.08
N ASP A 144 -2.65 -19.95 6.24
CA ASP A 144 -1.51 -19.60 7.07
C ASP A 144 -1.86 -18.93 8.42
N ASN A 145 -3.12 -19.04 8.83
CA ASN A 145 -3.54 -18.61 10.16
C ASN A 145 -4.72 -19.50 10.62
N PRO A 146 -4.43 -20.53 11.43
CA PRO A 146 -5.44 -21.47 11.94
C PRO A 146 -6.63 -20.83 12.66
N GLU A 147 -6.37 -19.75 13.39
CA GLU A 147 -7.44 -19.01 14.10
C GLU A 147 -8.66 -18.63 13.24
N LEU A 148 -8.47 -18.62 11.91
CA LEU A 148 -9.53 -18.33 10.94
C LEU A 148 -10.16 -19.61 10.34
N LYS A 149 -10.03 -20.75 11.03
CA LYS A 149 -10.73 -21.98 10.67
C LYS A 149 -12.15 -21.90 11.22
N ASP A 150 -13.12 -22.31 10.40
CA ASP A 150 -14.55 -22.27 10.74
C ASP A 150 -15.06 -20.87 11.14
N LYS A 151 -14.57 -19.85 10.43
CA LYS A 151 -14.85 -18.44 10.74
C LYS A 151 -15.08 -17.65 9.42
N PRO A 152 -15.99 -16.66 9.42
CA PRO A 152 -16.17 -15.84 8.22
C PRO A 152 -15.11 -14.75 8.10
N ILE A 153 -14.46 -14.69 6.93
CA ILE A 153 -13.40 -13.69 6.67
C ILE A 153 -13.51 -13.04 5.29
N ALA A 154 -12.84 -11.91 5.17
CA ALA A 154 -12.66 -11.23 3.89
C ALA A 154 -11.30 -10.56 3.88
N VAL A 155 -10.70 -10.47 2.70
CA VAL A 155 -9.41 -9.84 2.53
C VAL A 155 -9.68 -8.41 2.08
N GLY A 156 -9.09 -7.45 2.80
CA GLY A 156 -9.12 -6.06 2.40
C GLY A 156 -8.94 -5.10 3.55
N SER A 157 -9.55 -3.93 3.42
CA SER A 157 -9.56 -2.91 4.45
C SER A 157 -11.01 -2.69 4.84
N MET A 158 -11.20 -1.79 5.80
CA MET A 158 -12.53 -1.33 6.19
C MET A 158 -13.20 -0.51 5.07
N SER A 159 -12.39 0.11 4.21
CA SER A 159 -12.89 0.87 3.07
C SER A 159 -13.33 -0.01 1.90
N MET A 160 -12.64 -1.13 1.67
CA MET A 160 -12.92 -1.98 0.50
C MET A 160 -12.43 -3.41 0.69
N LEU A 161 -13.16 -4.36 0.11
CA LEU A 161 -12.83 -5.78 0.18
C LEU A 161 -12.47 -6.34 -1.20
N SER A 162 -11.44 -7.18 -1.23
CA SER A 162 -10.98 -7.84 -2.47
C SER A 162 -11.88 -9.03 -2.77
N THR A 163 -12.08 -9.86 -1.75
CA THR A 163 -12.91 -11.05 -1.83
C THR A 163 -13.27 -11.52 -0.43
N SER A 164 -14.08 -12.57 -0.36
CA SER A 164 -14.51 -13.16 0.90
C SER A 164 -14.60 -14.66 0.78
N ASN A 165 -14.39 -15.36 1.89
CA ASN A 165 -14.54 -16.83 1.92
C ASN A 165 -16.01 -17.23 1.93
N TYR A 166 -16.27 -18.49 1.61
CA TYR A 166 -17.65 -18.97 1.40
C TYR A 166 -18.55 -18.88 2.63
N HIS A 167 -17.95 -19.06 3.80
CA HIS A 167 -18.62 -18.81 5.08
C HIS A 167 -19.19 -17.40 5.11
N ALA A 168 -18.36 -16.43 4.80
CA ALA A 168 -18.77 -15.02 4.79
C ALA A 168 -19.72 -14.68 3.65
N ARG A 169 -19.58 -15.37 2.52
CA ARG A 169 -20.52 -15.20 1.39
C ARG A 169 -21.98 -15.52 1.76
N ARG A 170 -22.19 -16.45 2.69
CA ARG A 170 -23.52 -16.76 3.21
C ARG A 170 -24.21 -15.58 3.93
N PHE A 171 -23.44 -14.62 4.43
CA PHE A 171 -23.99 -13.39 5.02
C PHE A 171 -24.24 -12.27 4.00
N GLY A 172 -23.83 -12.48 2.74
CA GLY A 172 -23.93 -11.48 1.68
C GLY A 172 -22.70 -10.61 1.47
N VAL A 173 -21.61 -10.91 2.17
CA VAL A 173 -20.37 -10.11 2.02
C VAL A 173 -19.66 -10.64 0.77
N ARG A 174 -19.27 -9.72 -0.11
CA ARG A 174 -18.77 -10.07 -1.43
C ARG A 174 -17.56 -9.20 -1.83
N ALA A 175 -16.91 -9.61 -2.92
CA ALA A 175 -15.85 -8.83 -3.56
C ALA A 175 -16.40 -7.47 -4.00
N ALA A 176 -15.51 -6.49 -4.03
CA ALA A 176 -15.86 -5.10 -4.39
C ALA A 176 -16.88 -4.44 -3.44
N MET A 177 -17.03 -4.96 -2.22
CA MET A 177 -17.89 -4.36 -1.19
C MET A 177 -17.02 -3.64 -0.17
N PRO A 178 -17.46 -2.47 0.33
CA PRO A 178 -16.71 -1.86 1.43
C PRO A 178 -16.82 -2.64 2.73
N GLY A 179 -15.72 -2.65 3.50
CA GLY A 179 -15.65 -3.39 4.75
C GLY A 179 -16.68 -2.94 5.78
N PHE A 180 -16.85 -1.64 5.92
CA PHE A 180 -17.80 -1.08 6.90
C PHE A 180 -19.25 -1.51 6.65
N ILE A 181 -19.60 -1.67 5.37
CA ILE A 181 -20.90 -2.26 5.01
C ILE A 181 -20.92 -3.74 5.34
N ALA A 182 -19.88 -4.47 4.95
CA ALA A 182 -19.81 -5.91 5.22
C ALA A 182 -19.91 -6.25 6.71
N LYS A 183 -19.36 -5.39 7.56
CA LYS A 183 -19.42 -5.58 9.01
C LYS A 183 -20.84 -5.40 9.59
N ARG A 184 -21.66 -4.63 8.88
CA ARG A 184 -23.06 -4.47 9.26
C ARG A 184 -23.74 -5.81 8.99
N LEU A 185 -23.48 -6.38 7.81
CA LEU A 185 -24.03 -7.68 7.43
C LEU A 185 -23.54 -8.87 8.28
N CYS A 186 -22.41 -8.70 8.94
CA CYS A 186 -21.77 -9.79 9.67
C CYS A 186 -20.76 -9.19 10.64
N PRO A 187 -21.21 -8.81 11.85
CA PRO A 187 -20.30 -8.19 12.83
C PRO A 187 -19.11 -9.06 13.26
N GLN A 188 -19.30 -10.38 13.23
CA GLN A 188 -18.22 -11.32 13.55
C GLN A 188 -17.16 -11.42 12.44
N LEU A 189 -17.41 -10.78 11.29
CA LEU A 189 -16.50 -10.83 10.15
C LEU A 189 -15.11 -10.39 10.52
N ILE A 190 -14.14 -11.12 9.99
CA ILE A 190 -12.74 -10.85 10.20
C ILE A 190 -12.17 -10.28 8.90
N ILE A 191 -11.77 -9.02 8.93
CA ILE A 191 -11.12 -8.40 7.78
C ILE A 191 -9.60 -8.49 7.96
N VAL A 192 -8.94 -9.26 7.09
CA VAL A 192 -7.47 -9.43 7.15
C VAL A 192 -6.83 -8.63 6.00
N PRO A 193 -5.80 -7.80 6.31
CA PRO A 193 -5.15 -7.02 5.24
C PRO A 193 -4.54 -7.88 4.14
N PRO A 194 -4.56 -7.39 2.88
CA PRO A 194 -4.00 -8.17 1.77
C PRO A 194 -2.47 -8.29 1.80
N ASN A 195 -1.98 -9.41 1.30
CA ASN A 195 -0.58 -9.69 1.09
C ASN A 195 -0.38 -10.18 -0.34
N PHE A 196 -0.42 -9.23 -1.27
CA PHE A 196 -0.32 -9.50 -2.72
C PHE A 196 0.93 -10.30 -3.10
N ASP A 197 2.03 -10.08 -2.38
CA ASP A 197 3.28 -10.76 -2.65
C ASP A 197 3.18 -12.25 -2.42
N LYS A 198 2.38 -12.65 -1.43
CA LYS A 198 2.08 -14.07 -1.20
C LYS A 198 1.27 -14.62 -2.36
N TYR A 199 0.24 -13.88 -2.74
CA TYR A 199 -0.69 -14.34 -3.77
C TYR A 199 0.03 -14.55 -5.09
N ARG A 200 0.92 -13.61 -5.44
CA ARG A 200 1.79 -13.76 -6.61
C ARG A 200 2.67 -15.02 -6.53
N ALA A 201 3.17 -15.30 -5.32
CA ALA A 201 4.02 -16.46 -5.08
C ALA A 201 3.26 -17.78 -5.17
N VAL A 202 2.03 -17.80 -4.63
CA VAL A 202 1.15 -18.97 -4.72
C VAL A 202 0.79 -19.20 -6.18
N SER A 203 0.39 -18.13 -6.85
CA SER A 203 0.13 -18.14 -8.30
C SER A 203 1.28 -18.76 -9.09
N LYS A 204 2.51 -18.37 -8.76
CA LYS A 204 3.69 -18.88 -9.45
C LYS A 204 3.79 -20.40 -9.31
N GLU A 205 3.46 -20.92 -8.12
CA GLU A 205 3.43 -22.36 -7.86
C GLU A 205 2.45 -23.12 -8.75
N VAL A 206 1.27 -22.55 -8.97
CA VAL A 206 0.24 -23.21 -9.79
C VAL A 206 0.59 -23.06 -11.28
N LYS A 207 1.00 -21.87 -11.70
CA LYS A 207 1.45 -21.66 -13.09
C LYS A 207 2.56 -22.65 -13.51
N GLU A 208 3.38 -23.07 -12.57
CA GLU A 208 4.41 -24.09 -12.82
C GLU A 208 3.83 -25.48 -13.09
N ILE A 209 2.80 -25.86 -12.35
CA ILE A 209 2.04 -27.10 -12.59
C ILE A 209 1.35 -27.04 -13.95
N LEU A 210 0.58 -25.98 -14.18
CA LEU A 210 -0.17 -25.80 -15.44
C LEU A 210 0.70 -25.87 -16.69
N ALA A 211 1.94 -25.42 -16.59
CA ALA A 211 2.89 -25.44 -17.70
C ALA A 211 3.27 -26.85 -18.19
N ASP A 212 3.07 -27.88 -17.35
CA ASP A 212 3.23 -29.29 -17.76
C ASP A 212 2.22 -29.73 -18.80
N TYR A 213 1.02 -29.14 -18.75
CA TYR A 213 -0.12 -29.58 -19.56
C TYR A 213 -0.35 -28.73 -20.81
N ASP A 214 -0.03 -27.44 -20.72
CA ASP A 214 0.01 -26.55 -21.89
C ASP A 214 1.08 -25.48 -21.66
N PRO A 215 2.24 -25.60 -22.32
CA PRO A 215 3.27 -24.56 -22.16
C PRO A 215 2.85 -23.16 -22.66
N ASN A 216 1.81 -23.09 -23.49
CA ASN A 216 1.24 -21.81 -23.94
C ASN A 216 -0.08 -21.46 -23.28
N PHE A 217 -0.26 -21.83 -22.01
CA PHE A 217 -1.48 -21.50 -21.28
C PHE A 217 -1.58 -19.99 -21.10
N MET A 218 -2.82 -19.52 -20.99
CA MET A 218 -3.11 -18.09 -20.92
C MET A 218 -3.55 -17.79 -19.48
N ALA A 219 -2.69 -17.07 -18.74
CA ALA A 219 -3.04 -16.60 -17.41
C ALA A 219 -3.85 -15.31 -17.54
N MET A 220 -5.11 -15.34 -17.09
CA MET A 220 -5.98 -14.17 -17.12
C MET A 220 -5.70 -13.25 -15.93
N SER A 221 -5.35 -13.85 -14.80
CA SER A 221 -4.97 -13.12 -13.60
C SER A 221 -4.12 -14.05 -12.74
N LEU A 222 -3.92 -13.71 -11.47
CA LEU A 222 -3.18 -14.59 -10.56
C LEU A 222 -3.87 -15.94 -10.34
N ASP A 223 -5.18 -15.91 -10.12
CA ASP A 223 -5.93 -17.12 -9.75
C ASP A 223 -6.56 -17.91 -10.92
N GLU A 224 -6.29 -17.47 -12.15
CA GLU A 224 -7.12 -17.88 -13.29
C GLU A 224 -6.29 -18.16 -14.54
N ALA A 225 -6.62 -19.25 -15.24
CA ALA A 225 -5.93 -19.58 -16.49
C ALA A 225 -6.75 -20.46 -17.41
N TYR A 226 -6.47 -20.35 -18.70
CA TYR A 226 -7.04 -21.23 -19.72
C TYR A 226 -5.92 -22.14 -20.19
N LEU A 227 -6.22 -23.42 -20.39
CA LEU A 227 -5.26 -24.38 -20.94
C LEU A 227 -5.85 -25.08 -22.13
N ASN A 228 -5.03 -25.26 -23.17
CA ASN A 228 -5.39 -26.12 -24.28
C ASN A 228 -4.66 -27.45 -24.12
N ILE A 229 -5.36 -28.43 -23.56
CA ILE A 229 -4.76 -29.74 -23.26
C ILE A 229 -4.91 -30.76 -24.38
N THR A 230 -5.33 -30.32 -25.56
CA THR A 230 -5.53 -31.20 -26.69
C THR A 230 -4.26 -31.98 -26.98
N LYS A 231 -3.16 -31.27 -27.19
CA LYS A 231 -1.88 -31.90 -27.52
C LYS A 231 -1.33 -32.81 -26.42
N HIS A 232 -1.62 -32.45 -25.16
CA HIS A 232 -1.24 -33.27 -24.01
C HIS A 232 -2.05 -34.57 -23.95
N LEU A 233 -3.35 -34.48 -24.20
CA LEU A 233 -4.21 -35.67 -24.23
C LEU A 233 -3.76 -36.69 -25.27
N GLU A 234 -3.28 -36.20 -26.42
CA GLU A 234 -2.71 -37.06 -27.47
C GLU A 234 -1.52 -37.89 -26.98
N GLU A 235 -0.53 -37.21 -26.40
CA GLU A 235 0.67 -37.84 -25.84
C GLU A 235 0.32 -38.78 -24.68
N ARG A 236 -0.59 -38.33 -23.81
CA ARG A 236 -1.00 -39.06 -22.61
C ARG A 236 -1.78 -40.35 -22.88
N GLN A 237 -2.43 -40.43 -24.04
CA GLN A 237 -3.23 -41.60 -24.40
C GLN A 237 -2.44 -42.90 -24.19
N ASN A 238 -1.15 -42.86 -24.51
CA ASN A 238 -0.27 -44.03 -24.37
C ASN A 238 0.94 -43.84 -23.43
N TRP A 239 0.64 -43.27 -22.26
CA TRP A 239 1.62 -43.08 -21.17
C TRP A 239 1.53 -44.25 -20.19
N PRO A 240 2.68 -44.65 -19.59
CA PRO A 240 2.63 -45.66 -18.51
C PRO A 240 2.14 -45.04 -17.21
N GLU A 241 1.79 -45.88 -16.25
CA GLU A 241 1.31 -45.40 -14.94
C GLU A 241 2.39 -44.60 -14.19
N ASP A 242 3.64 -44.83 -14.53
CA ASP A 242 4.80 -44.06 -14.01
C ASP A 242 4.72 -42.55 -14.29
N LYS A 243 4.47 -42.19 -15.54
CA LYS A 243 4.43 -40.78 -15.96
C LYS A 243 3.21 -40.00 -15.44
N ARG A 244 2.21 -40.69 -14.89
CA ARG A 244 1.01 -40.06 -14.33
C ARG A 244 0.64 -40.63 -12.95
N ARG A 245 1.66 -40.70 -12.09
CA ARG A 245 1.52 -41.11 -10.68
C ARG A 245 2.09 -40.01 -9.78
N TYR A 246 1.35 -39.66 -8.73
CA TYR A 246 1.73 -38.58 -7.80
C TYR A 246 1.50 -38.94 -6.33
N PHE A 247 2.47 -38.58 -5.49
CA PHE A 247 2.53 -39.00 -4.09
C PHE A 247 1.75 -38.03 -3.20
N ILE A 248 1.12 -38.57 -2.17
CA ILE A 248 0.31 -37.77 -1.24
C ILE A 248 1.18 -37.15 -0.14
N LYS A 249 0.88 -35.89 0.18
CA LYS A 249 1.60 -35.12 1.22
C LYS A 249 1.16 -35.53 2.65
N ASN A 307 1.43 -44.77 -0.11
CA ASN A 307 1.06 -43.35 -0.06
C ASN A 307 1.26 -42.63 -1.43
N SER A 308 0.64 -43.20 -2.47
CA SER A 308 0.62 -42.62 -3.82
C SER A 308 -0.68 -42.96 -4.61
N VAL A 309 -0.87 -42.24 -5.71
CA VAL A 309 -2.12 -42.29 -6.50
C VAL A 309 -1.87 -42.13 -8.01
N VAL A 310 -2.77 -42.72 -8.82
CA VAL A 310 -2.71 -42.65 -10.29
C VAL A 310 -3.96 -42.04 -10.91
N PHE A 311 -3.76 -41.32 -12.01
CA PHE A 311 -4.85 -40.67 -12.71
C PHE A 311 -4.91 -41.23 -14.11
N GLY A 312 -6.13 -41.33 -14.63
CA GLY A 312 -6.40 -41.92 -15.94
C GLY A 312 -5.92 -41.14 -17.16
N THR A 313 -6.36 -41.60 -18.32
CA THR A 313 -5.92 -41.08 -19.60
C THR A 313 -6.89 -40.02 -20.18
N SER A 314 -8.04 -39.84 -19.53
CA SER A 314 -9.12 -38.97 -20.00
C SER A 314 -8.94 -37.51 -19.61
N ALA A 315 -9.73 -36.64 -20.25
CA ALA A 315 -9.73 -35.21 -19.97
C ALA A 315 -10.17 -34.92 -18.54
N GLN A 316 -11.26 -35.58 -18.10
CA GLN A 316 -11.72 -35.47 -16.71
C GLN A 316 -10.60 -35.82 -15.73
N GLU A 317 -9.89 -36.90 -16.03
CA GLU A 317 -8.82 -37.37 -15.15
C GLU A 317 -7.63 -36.42 -15.16
N VAL A 318 -7.22 -35.94 -16.33
CA VAL A 318 -6.14 -34.94 -16.44
C VAL A 318 -6.39 -33.76 -15.51
N VAL A 319 -7.62 -33.24 -15.52
CA VAL A 319 -7.99 -32.11 -14.69
C VAL A 319 -8.03 -32.49 -13.21
N LYS A 320 -8.44 -33.71 -12.88
CA LYS A 320 -8.36 -34.19 -11.49
C LYS A 320 -6.92 -34.24 -10.96
N GLU A 321 -5.99 -34.57 -11.86
CA GLU A 321 -4.56 -34.54 -11.56
C GLU A 321 -4.07 -33.11 -11.29
N ILE A 322 -4.44 -32.18 -12.17
CA ILE A 322 -4.09 -30.77 -12.04
C ILE A 322 -4.57 -30.21 -10.71
N ARG A 323 -5.86 -30.39 -10.43
CA ARG A 323 -6.44 -29.89 -9.18
C ARG A 323 -5.82 -30.54 -7.94
N PHE A 324 -5.49 -31.83 -8.05
CA PHE A 324 -4.83 -32.57 -6.97
C PHE A 324 -3.42 -32.05 -6.72
N ARG A 325 -2.58 -31.99 -7.77
CA ARG A 325 -1.22 -31.41 -7.69
C ARG A 325 -1.19 -29.99 -7.12
N ILE A 326 -2.20 -29.18 -7.46
CA ILE A 326 -2.37 -27.82 -6.93
C ILE A 326 -2.63 -27.87 -5.42
N GLU A 327 -3.62 -28.65 -5.01
CA GLU A 327 -3.95 -28.83 -3.59
C GLU A 327 -2.78 -29.38 -2.77
N GLN A 328 -1.99 -30.27 -3.37
CA GLN A 328 -0.84 -30.84 -2.67
C GLN A 328 0.27 -29.81 -2.50
N LYS A 329 0.61 -29.10 -3.58
CA LYS A 329 1.68 -28.10 -3.56
C LYS A 329 1.37 -26.81 -2.80
N THR A 330 0.10 -26.37 -2.81
CA THR A 330 -0.30 -25.10 -2.19
C THR A 330 -1.24 -25.20 -0.99
N THR A 331 -1.80 -26.38 -0.73
CA THR A 331 -2.81 -26.54 0.33
C THR A 331 -4.10 -25.74 0.04
N LEU A 332 -4.37 -25.48 -1.24
CA LEU A 332 -5.53 -24.68 -1.67
C LEU A 332 -6.28 -25.37 -2.79
N THR A 333 -7.60 -25.26 -2.76
CA THR A 333 -8.45 -25.90 -3.76
C THR A 333 -8.67 -24.99 -4.96
N ALA A 334 -8.82 -25.62 -6.12
CA ALA A 334 -9.24 -24.93 -7.34
C ALA A 334 -10.47 -25.61 -7.89
N SER A 335 -11.23 -24.88 -8.71
CA SER A 335 -12.31 -25.44 -9.51
C SER A 335 -11.93 -25.36 -10.98
N ALA A 336 -12.53 -26.22 -11.79
CA ALA A 336 -12.16 -26.32 -13.20
C ALA A 336 -13.34 -26.60 -14.12
N GLY A 337 -13.20 -26.16 -15.37
CA GLY A 337 -14.20 -26.38 -16.41
C GLY A 337 -13.56 -26.97 -17.65
N ILE A 338 -14.27 -27.89 -18.29
CA ILE A 338 -13.76 -28.59 -19.47
C ILE A 338 -14.80 -28.49 -20.59
N ALA A 339 -14.37 -28.08 -21.78
CA ALA A 339 -15.29 -27.85 -22.89
C ALA A 339 -14.48 -27.63 -24.17
N PRO A 340 -15.16 -27.69 -25.33
CA PRO A 340 -14.43 -27.48 -26.60
C PRO A 340 -14.02 -26.05 -26.94
N ASN A 341 -14.48 -25.05 -26.17
CA ASN A 341 -14.03 -23.66 -26.35
C ASN A 341 -13.92 -22.89 -25.03
N THR A 342 -13.24 -21.75 -25.08
CA THR A 342 -12.98 -20.93 -23.90
C THR A 342 -14.25 -20.42 -23.20
N MET A 343 -15.22 -20.00 -23.99
CA MET A 343 -16.45 -19.40 -23.47
C MET A 343 -17.19 -20.39 -22.60
N LEU A 344 -17.36 -21.61 -23.11
CA LEU A 344 -18.00 -22.69 -22.37
C LEU A 344 -17.20 -23.12 -21.13
N ALA A 345 -15.90 -23.29 -21.31
CA ALA A 345 -14.99 -23.70 -20.23
C ALA A 345 -15.09 -22.79 -19.03
N LYS A 346 -15.00 -21.48 -19.26
CA LYS A 346 -15.17 -20.46 -18.22
C LYS A 346 -16.48 -20.63 -17.43
N VAL A 347 -17.57 -20.92 -18.14
CA VAL A 347 -18.87 -21.07 -17.51
C VAL A 347 -18.94 -22.33 -16.64
N CYS A 348 -18.40 -23.43 -17.17
CA CYS A 348 -18.32 -24.71 -16.44
C CYS A 348 -17.51 -24.69 -15.17
N SER A 349 -16.42 -23.93 -15.19
CA SER A 349 -15.57 -23.80 -14.00
C SER A 349 -16.30 -23.23 -12.80
N ASP A 350 -17.33 -22.44 -13.03
CA ASP A 350 -18.16 -21.86 -11.97
C ASP A 350 -19.27 -22.80 -11.48
N LYS A 351 -19.61 -23.83 -12.28
CA LYS A 351 -20.78 -24.68 -12.04
C LYS A 351 -20.70 -25.47 -10.75
N ASN A 352 -19.61 -26.21 -10.59
CA ASN A 352 -19.35 -26.99 -9.36
C ASN A 352 -18.24 -26.38 -8.51
N LYS A 353 -18.37 -25.08 -8.27
CA LYS A 353 -17.44 -24.33 -7.45
C LYS A 353 -18.05 -24.27 -6.04
N PRO A 354 -17.28 -24.49 -4.98
CA PRO A 354 -15.83 -24.67 -4.99
C PRO A 354 -15.37 -26.13 -4.99
N ASN A 355 -14.10 -26.32 -5.36
CA ASN A 355 -13.43 -27.62 -5.33
C ASN A 355 -14.14 -28.68 -6.16
N GLY A 356 -14.50 -28.30 -7.40
CA GLY A 356 -15.14 -29.23 -8.32
C GLY A 356 -14.91 -28.93 -9.78
N GLN A 357 -15.33 -29.88 -10.61
CA GLN A 357 -15.17 -29.84 -12.05
C GLN A 357 -16.51 -29.91 -12.77
N TYR A 358 -16.46 -29.60 -14.06
CA TYR A 358 -17.53 -29.94 -14.96
C TYR A 358 -16.99 -30.05 -16.38
N GLN A 359 -17.49 -31.04 -17.12
CA GLN A 359 -17.18 -31.18 -18.52
C GLN A 359 -18.44 -31.11 -19.39
N ILE A 360 -18.36 -30.28 -20.43
CA ILE A 360 -19.25 -30.36 -21.57
C ILE A 360 -18.50 -31.21 -22.57
N LEU A 361 -18.98 -32.43 -22.78
CA LEU A 361 -18.38 -33.36 -23.74
C LEU A 361 -18.40 -32.79 -25.16
N PRO A 362 -17.44 -33.20 -26.02
CA PRO A 362 -17.30 -32.55 -27.33
C PRO A 362 -18.29 -33.04 -28.41
N ASN A 363 -19.59 -33.02 -28.09
CA ASN A 363 -20.66 -33.30 -29.06
C ASN A 363 -21.69 -32.16 -29.07
N ARG A 364 -22.20 -31.85 -30.27
CA ARG A 364 -23.08 -30.69 -30.48
C ARG A 364 -24.32 -30.72 -29.59
N GLN A 365 -24.85 -31.91 -29.32
CA GLN A 365 -26.07 -32.02 -28.52
C GLN A 365 -25.86 -31.62 -27.06
N ALA A 366 -24.76 -32.08 -26.46
CA ALA A 366 -24.40 -31.73 -25.07
C ALA A 366 -24.17 -30.23 -24.90
N VAL A 367 -23.51 -29.63 -25.88
CA VAL A 367 -23.29 -28.18 -25.92
C VAL A 367 -24.64 -27.48 -25.77
N MET A 368 -25.57 -27.83 -26.65
CA MET A 368 -26.90 -27.22 -26.69
C MET A 368 -27.74 -27.47 -25.43
N ASP A 369 -27.66 -28.67 -24.87
CA ASP A 369 -28.38 -28.97 -23.62
C ASP A 369 -27.90 -28.08 -22.48
N PHE A 370 -26.59 -27.84 -22.42
CA PHE A 370 -25.98 -26.98 -21.40
C PHE A 370 -26.39 -25.53 -21.56
N ILE A 371 -26.37 -25.06 -22.80
CA ILE A 371 -26.74 -23.69 -23.14
C ILE A 371 -28.24 -23.41 -22.94
N LYS A 372 -29.09 -24.39 -23.24
CA LYS A 372 -30.56 -24.19 -23.26
C LYS A 372 -31.17 -23.19 -22.28
N ASP A 373 -31.01 -23.44 -20.98
CA ASP A 373 -31.59 -22.58 -19.92
C ASP A 373 -30.51 -21.78 -19.18
N LEU A 374 -29.35 -21.58 -19.82
CA LEU A 374 -28.22 -20.91 -19.17
C LEU A 374 -28.48 -19.41 -19.18
N PRO A 375 -28.54 -18.78 -17.99
CA PRO A 375 -28.68 -17.32 -17.99
C PRO A 375 -27.48 -16.65 -18.67
N ILE A 376 -27.76 -15.63 -19.50
CA ILE A 376 -26.70 -15.00 -20.30
C ILE A 376 -25.66 -14.26 -19.46
N ARG A 377 -26.04 -13.84 -18.24
CA ARG A 377 -25.11 -13.18 -17.28
C ARG A 377 -23.80 -13.95 -17.02
N LYS A 378 -23.97 -15.27 -16.86
CA LYS A 378 -22.91 -16.22 -16.58
C LYS A 378 -21.80 -16.26 -17.62
N VAL A 379 -22.10 -15.77 -18.83
CA VAL A 379 -21.10 -15.68 -19.88
C VAL A 379 -20.17 -14.49 -19.60
N SER A 380 -18.90 -14.71 -19.90
CA SER A 380 -17.87 -13.70 -19.71
C SER A 380 -18.04 -12.66 -20.81
N GLY A 381 -18.37 -11.44 -20.40
CA GLY A 381 -18.64 -10.34 -21.33
C GLY A 381 -20.06 -9.80 -21.29
N ILE A 382 -21.00 -10.57 -20.76
CA ILE A 382 -22.35 -10.09 -20.48
C ILE A 382 -22.34 -9.64 -19.03
N GLY A 383 -22.39 -8.33 -18.82
CA GLY A 383 -22.34 -7.74 -17.47
C GLY A 383 -23.68 -7.22 -17.01
N LYS A 384 -23.67 -6.38 -15.98
CA LYS A 384 -24.90 -5.90 -15.31
C LYS A 384 -25.83 -5.15 -16.26
N VAL A 385 -25.22 -4.30 -17.10
CA VAL A 385 -25.97 -3.49 -18.06
C VAL A 385 -26.56 -4.34 -19.18
N THR A 386 -25.71 -5.03 -19.93
CA THR A 386 -26.16 -5.89 -21.02
C THR A 386 -27.29 -6.83 -20.59
N GLU A 387 -27.19 -7.36 -19.36
CA GLU A 387 -28.25 -8.20 -18.79
C GLU A 387 -29.56 -7.43 -18.68
N LYS A 388 -29.49 -6.24 -18.08
CA LYS A 388 -30.68 -5.40 -17.88
C LYS A 388 -31.31 -4.92 -19.19
N MET A 389 -30.47 -4.63 -20.18
CA MET A 389 -30.97 -4.24 -21.50
C MET A 389 -31.65 -5.41 -22.18
N LEU A 390 -30.96 -6.55 -22.26
CA LEU A 390 -31.52 -7.75 -22.88
C LEU A 390 -32.74 -8.31 -22.15
N LYS A 391 -32.78 -8.13 -20.82
CA LYS A 391 -33.93 -8.56 -20.03
C LYS A 391 -35.18 -7.81 -20.43
N ALA A 392 -35.04 -6.51 -20.69
CA ALA A 392 -36.16 -5.67 -21.13
C ALA A 392 -36.73 -6.09 -22.51
N LEU A 393 -35.93 -6.81 -23.31
CA LEU A 393 -36.41 -7.50 -24.51
C LEU A 393 -36.91 -8.93 -24.25
N GLY A 394 -37.20 -9.25 -22.98
CA GLY A 394 -37.57 -10.59 -22.56
C GLY A 394 -36.50 -11.68 -22.65
N ILE A 395 -35.23 -11.28 -22.83
CA ILE A 395 -34.12 -12.22 -23.00
C ILE A 395 -33.37 -12.42 -21.69
N ILE A 396 -33.43 -13.65 -21.18
CA ILE A 396 -32.71 -14.05 -19.98
C ILE A 396 -31.80 -15.24 -20.26
N THR A 397 -32.31 -16.26 -20.93
CA THR A 397 -31.53 -17.47 -21.22
C THR A 397 -30.92 -17.40 -22.60
N CYS A 398 -30.05 -18.36 -22.90
CA CYS A 398 -29.34 -18.36 -24.18
C CYS A 398 -30.17 -18.83 -25.38
N THR A 399 -31.24 -19.58 -25.14
CA THR A 399 -32.16 -19.94 -26.23
C THR A 399 -33.04 -18.74 -26.59
N GLU A 400 -33.51 -18.01 -25.58
CA GLU A 400 -34.19 -16.72 -25.80
C GLU A 400 -33.31 -15.75 -26.60
N LEU A 401 -32.01 -15.76 -26.33
CA LEU A 401 -31.05 -14.95 -27.07
C LEU A 401 -30.97 -15.39 -28.54
N TYR A 402 -31.03 -16.69 -28.79
CA TYR A 402 -31.09 -17.21 -30.16
C TYR A 402 -32.37 -16.79 -30.86
N GLN A 403 -33.50 -17.02 -30.19
CA GLN A 403 -34.84 -16.70 -30.73
C GLN A 403 -34.97 -15.26 -31.24
N GLN A 404 -34.41 -14.32 -30.49
CA GLN A 404 -34.51 -12.88 -30.81
C GLN A 404 -33.37 -12.37 -31.71
N ARG A 405 -32.59 -13.27 -32.31
CA ARG A 405 -31.38 -12.89 -33.05
C ARG A 405 -31.59 -11.87 -34.17
N ALA A 406 -32.74 -11.93 -34.83
CA ALA A 406 -33.09 -10.96 -35.88
C ALA A 406 -33.25 -9.57 -35.26
N LEU A 407 -34.16 -9.47 -34.29
CA LEU A 407 -34.40 -8.22 -33.55
C LEU A 407 -33.10 -7.60 -33.04
N LEU A 408 -32.23 -8.44 -32.50
CA LEU A 408 -30.91 -8.01 -32.00
C LEU A 408 -30.01 -7.41 -33.09
N SER A 409 -30.10 -7.95 -34.31
CA SER A 409 -29.30 -7.46 -35.43
C SER A 409 -29.74 -6.08 -35.92
N LEU A 410 -30.91 -5.64 -35.50
CA LEU A 410 -31.39 -4.29 -35.78
C LEU A 410 -31.22 -3.32 -34.59
N LEU A 411 -31.24 -3.83 -33.36
CA LEU A 411 -31.08 -3.00 -32.15
C LEU A 411 -29.63 -2.74 -31.72
N PHE A 412 -28.71 -3.63 -32.12
CA PHE A 412 -27.30 -3.57 -31.70
C PHE A 412 -26.33 -3.52 -32.87
N SER A 413 -25.12 -3.05 -32.58
CA SER A 413 -24.05 -2.94 -33.57
C SER A 413 -23.61 -4.30 -34.08
N GLU A 414 -22.93 -4.31 -35.21
CA GLU A 414 -22.54 -5.54 -35.90
C GLU A 414 -21.77 -6.47 -34.97
N THR A 415 -20.72 -5.94 -34.36
CA THR A 415 -19.86 -6.70 -33.44
C THR A 415 -20.61 -7.26 -32.21
N SER A 416 -21.56 -6.50 -31.66
CA SER A 416 -22.35 -6.95 -30.51
C SER A 416 -23.30 -8.10 -30.82
N TRP A 417 -24.04 -8.04 -31.94
CA TRP A 417 -24.97 -9.13 -32.29
C TRP A 417 -24.23 -10.36 -32.85
N HIS A 418 -23.15 -10.12 -33.59
CA HIS A 418 -22.21 -11.19 -33.94
C HIS A 418 -21.74 -11.95 -32.69
N TYR A 419 -21.39 -11.19 -31.65
CA TYR A 419 -21.01 -11.77 -30.36
C TYR A 419 -22.18 -12.54 -29.74
N PHE A 420 -23.35 -11.92 -29.65
CA PHE A 420 -24.54 -12.58 -29.07
C PHE A 420 -24.91 -13.87 -29.78
N LEU A 421 -24.67 -13.92 -31.09
CA LEU A 421 -24.96 -15.11 -31.88
C LEU A 421 -24.02 -16.26 -31.52
N HIS A 422 -22.73 -15.95 -31.44
CA HIS A 422 -21.72 -16.91 -30.96
C HIS A 422 -22.15 -17.53 -29.64
N ILE A 423 -22.59 -16.69 -28.70
CA ILE A 423 -23.03 -17.15 -27.38
C ILE A 423 -24.25 -18.06 -27.51
N SER A 424 -25.24 -17.61 -28.28
CA SER A 424 -26.50 -18.35 -28.47
C SER A 424 -26.31 -19.74 -29.12
N LEU A 425 -25.25 -19.92 -29.91
CA LEU A 425 -24.90 -21.20 -30.52
C LEU A 425 -23.83 -22.02 -29.76
N GLY A 426 -23.44 -21.59 -28.56
CA GLY A 426 -22.38 -22.25 -27.79
C GLY A 426 -20.99 -22.25 -28.43
N LEU A 427 -20.67 -21.14 -29.10
CA LEU A 427 -19.39 -21.00 -29.80
C LEU A 427 -18.46 -20.07 -29.03
N GLY A 428 -17.19 -20.16 -29.37
CA GLY A 428 -16.17 -19.35 -28.73
C GLY A 428 -14.78 -19.76 -29.17
N SER A 429 -13.79 -19.13 -28.56
CA SER A 429 -12.41 -19.28 -29.00
C SER A 429 -11.89 -20.70 -28.68
N THR A 430 -11.28 -21.35 -29.67
CA THR A 430 -10.75 -22.72 -29.55
C THR A 430 -9.22 -22.82 -29.60
N HIS A 431 -8.52 -21.70 -29.76
CA HIS A 431 -7.07 -21.64 -29.62
C HIS A 431 -6.69 -20.40 -28.81
N LEU A 432 -5.63 -20.54 -28.00
CA LEU A 432 -5.22 -19.49 -27.08
C LEU A 432 -4.12 -18.63 -27.71
N THR A 433 -4.43 -17.35 -27.92
CA THR A 433 -3.52 -16.39 -28.56
C THR A 433 -2.66 -15.64 -27.55
N ARG A 434 -1.36 -15.97 -27.51
CA ARG A 434 -0.39 -15.26 -26.68
C ARG A 434 -0.57 -13.75 -26.90
N ASP A 435 -1.21 -13.10 -25.92
CA ASP A 435 -1.45 -11.65 -25.95
C ASP A 435 -0.12 -10.93 -26.13
N GLY A 436 0.01 -10.22 -27.26
CA GLY A 436 1.28 -9.61 -27.68
C GLY A 436 1.48 -8.23 -27.06
N GLU A 437 1.71 -7.21 -27.89
CA GLU A 437 2.06 -5.88 -27.40
C GLU A 437 0.92 -5.23 -26.62
N ARG A 438 1.27 -4.50 -25.55
CA ARG A 438 0.27 -3.79 -24.75
C ARG A 438 -0.15 -2.53 -25.47
N LYS A 439 -1.26 -1.95 -25.01
CA LYS A 439 -1.83 -0.75 -25.62
C LYS A 439 -1.80 0.47 -24.72
N SER A 440 -1.87 0.26 -23.40
CA SER A 440 -1.78 1.35 -22.46
C SER A 440 -1.13 0.91 -21.15
N MET A 441 -0.47 1.86 -20.48
CA MET A 441 0.02 1.70 -19.12
C MET A 441 -0.51 2.86 -18.31
N SER A 442 -0.91 2.61 -17.07
CA SER A 442 -1.57 3.63 -16.28
C SER A 442 -1.41 3.47 -14.79
N VAL A 443 -1.66 4.55 -14.07
CA VAL A 443 -1.69 4.53 -12.60
C VAL A 443 -2.73 5.54 -12.15
N GLU A 444 -3.45 5.19 -11.08
CA GLU A 444 -4.42 6.08 -10.47
C GLU A 444 -4.50 5.82 -8.98
N ARG A 445 -4.94 6.83 -8.23
CA ARG A 445 -5.04 6.72 -6.79
C ARG A 445 -6.17 7.52 -6.19
N THR A 446 -6.84 6.92 -5.22
CA THR A 446 -7.89 7.57 -4.45
C THR A 446 -7.25 8.21 -3.22
N PHE A 447 -7.91 9.26 -2.73
CA PHE A 447 -7.48 9.94 -1.52
C PHE A 447 -8.60 10.74 -0.91
N SER A 448 -8.40 11.13 0.35
CA SER A 448 -9.26 12.13 0.97
C SER A 448 -9.15 13.41 0.15
N GLU A 449 -10.21 14.20 0.16
CA GLU A 449 -10.35 15.32 -0.77
C GLU A 449 -9.09 16.18 -0.91
N ILE A 450 -8.77 16.54 -2.15
CA ILE A 450 -7.70 17.51 -2.43
C ILE A 450 -8.30 18.62 -3.27
N ASN A 451 -8.27 19.85 -2.75
CA ASN A 451 -8.78 21.03 -3.48
C ASN A 451 -7.78 22.13 -3.82
N LYS A 452 -6.69 22.24 -3.05
CA LYS A 452 -5.62 23.20 -3.35
C LYS A 452 -4.91 22.80 -4.64
N ALA A 453 -4.88 23.73 -5.60
CA ALA A 453 -4.29 23.48 -6.93
C ALA A 453 -2.85 22.98 -6.83
N GLU A 454 -2.02 23.68 -6.07
CA GLU A 454 -0.60 23.31 -5.93
C GLU A 454 -0.41 21.86 -5.49
N GLU A 455 -1.28 21.38 -4.59
CA GLU A 455 -1.26 19.99 -4.13
C GLU A 455 -1.64 19.00 -5.24
N GLN A 456 -2.58 19.41 -6.08
CA GLN A 456 -3.00 18.61 -7.24
C GLN A 456 -1.91 18.47 -8.31
N TYR A 457 -1.16 19.55 -8.56
CA TYR A 457 0.00 19.48 -9.45
C TYR A 457 1.09 18.54 -8.89
N SER A 458 1.31 18.62 -7.58
CA SER A 458 2.28 17.74 -6.89
C SER A 458 1.90 16.28 -7.01
N LEU A 459 0.61 16.00 -6.86
CA LEU A 459 0.09 14.65 -6.95
C LEU A 459 0.06 14.14 -8.37
N CYS A 460 -0.19 15.03 -9.33
CA CYS A 460 -0.04 14.72 -10.74
C CYS A 460 1.41 14.33 -11.06
N GLN A 461 2.35 15.16 -10.62
CA GLN A 461 3.80 14.94 -10.83
C GLN A 461 4.27 13.60 -10.26
N GLU A 462 3.74 13.26 -9.09
CA GLU A 462 4.02 11.99 -8.45
C GLU A 462 3.59 10.83 -9.33
N LEU A 463 2.34 10.89 -9.79
CA LEU A 463 1.75 9.83 -10.63
C LEU A 463 2.50 9.67 -11.96
N CYS A 464 2.87 10.79 -12.57
CA CYS A 464 3.70 10.77 -13.77
C CYS A 464 5.07 10.13 -13.54
N SER A 465 5.66 10.36 -12.36
CA SER A 465 6.94 9.73 -11.99
C SER A 465 6.84 8.22 -11.87
N GLU A 466 5.81 7.77 -11.14
CA GLU A 466 5.52 6.34 -10.97
C GLU A 466 5.30 5.65 -12.30
N LEU A 467 4.58 6.33 -13.21
CA LEU A 467 4.26 5.79 -14.52
C LEU A 467 5.52 5.68 -15.41
N ALA A 468 6.35 6.72 -15.39
CA ALA A 468 7.65 6.72 -16.08
C ALA A 468 8.53 5.57 -15.58
N GLN A 469 8.52 5.34 -14.27
CA GLN A 469 9.25 4.23 -13.63
C GLN A 469 8.78 2.87 -14.16
N ASP A 470 7.47 2.69 -14.27
CA ASP A 470 6.86 1.45 -14.83
C ASP A 470 7.15 1.26 -16.32
N LEU A 471 7.15 2.36 -17.08
CA LEU A 471 7.56 2.34 -18.49
C LEU A 471 9.02 1.95 -18.66
N GLN A 472 9.89 2.52 -17.81
CA GLN A 472 11.33 2.21 -17.82
C GLN A 472 11.57 0.70 -17.75
N LYS A 473 10.80 0.02 -16.89
CA LYS A 473 10.88 -1.43 -16.73
C LYS A 473 10.63 -2.24 -18.00
N GLU A 474 9.71 -1.80 -18.84
CA GLU A 474 9.38 -2.49 -20.12
C GLU A 474 9.95 -1.78 -21.36
N ARG A 475 10.82 -0.78 -21.14
CA ARG A 475 11.51 -0.02 -22.19
C ARG A 475 10.53 0.51 -23.24
N LEU A 476 9.49 1.20 -22.77
CA LEU A 476 8.37 1.66 -23.61
C LEU A 476 8.28 3.17 -23.66
N LYS A 477 7.88 3.69 -24.83
CA LYS A 477 7.62 5.13 -25.02
C LYS A 477 6.33 5.28 -25.82
N GLY A 478 5.53 6.28 -25.47
CA GLY A 478 4.20 6.49 -26.08
C GLY A 478 3.94 7.92 -26.47
N ARG A 479 2.85 8.13 -27.23
CA ARG A 479 2.52 9.45 -27.78
C ARG A 479 1.30 10.13 -27.18
N THR A 480 0.45 9.38 -26.47
CA THR A 480 -0.79 9.90 -25.93
C THR A 480 -0.74 9.84 -24.41
N VAL A 481 -0.98 10.96 -23.76
CA VAL A 481 -1.02 11.07 -22.32
C VAL A 481 -2.44 11.47 -21.95
N THR A 482 -3.05 10.69 -21.06
CA THR A 482 -4.43 10.88 -20.65
C THR A 482 -4.52 11.00 -19.14
N ILE A 483 -5.07 12.11 -18.64
CA ILE A 483 -5.33 12.24 -17.20
C ILE A 483 -6.77 11.85 -16.91
N LYS A 484 -6.99 11.33 -15.70
CA LYS A 484 -8.30 10.89 -15.21
C LYS A 484 -8.56 11.65 -13.93
N LEU A 485 -9.72 12.29 -13.85
CA LEU A 485 -10.11 13.07 -12.66
C LEU A 485 -11.47 12.62 -12.19
N LYS A 486 -11.57 12.34 -10.90
CA LYS A 486 -12.85 11.98 -10.30
C LYS A 486 -13.12 12.91 -9.11
N ASN A 487 -14.20 13.68 -9.20
CA ASN A 487 -14.58 14.60 -8.12
C ASN A 487 -15.22 13.88 -6.93
N VAL A 488 -15.45 14.62 -5.85
CA VAL A 488 -16.04 14.06 -4.62
C VAL A 488 -17.44 13.43 -4.76
N ASN A 489 -18.16 13.77 -5.82
CA ASN A 489 -19.44 13.12 -6.17
C ASN A 489 -19.29 11.96 -7.17
N PHE A 490 -18.07 11.43 -7.26
CA PHE A 490 -17.76 10.22 -8.04
C PHE A 490 -17.91 10.35 -9.56
N GLU A 491 -18.02 11.58 -10.06
CA GLU A 491 -18.14 11.84 -11.49
C GLU A 491 -16.75 11.82 -12.08
N VAL A 492 -16.61 11.21 -13.26
CA VAL A 492 -15.29 10.95 -13.86
C VAL A 492 -15.12 11.64 -15.23
N LYS A 493 -14.00 12.34 -15.39
CA LYS A 493 -13.58 12.92 -16.67
C LYS A 493 -12.22 12.37 -17.06
N THR A 494 -12.03 12.11 -18.34
CA THR A 494 -10.70 11.85 -18.88
C THR A 494 -10.37 12.96 -19.87
N ARG A 495 -9.12 13.41 -19.86
CA ARG A 495 -8.66 14.43 -20.79
C ARG A 495 -7.32 14.00 -21.38
N ALA A 496 -7.25 13.97 -22.70
CA ALA A 496 -6.11 13.43 -23.42
C ALA A 496 -5.43 14.47 -24.30
N SER A 497 -4.22 14.12 -24.73
CA SER A 497 -3.41 14.94 -25.62
C SER A 497 -2.41 14.04 -26.30
N THR A 498 -2.40 14.05 -27.63
CA THR A 498 -1.45 13.26 -28.41
C THR A 498 -0.37 14.18 -28.98
N VAL A 499 0.84 13.64 -29.05
CA VAL A 499 2.05 14.38 -29.39
C VAL A 499 2.69 13.71 -30.61
N SER A 500 3.43 14.51 -31.38
CA SER A 500 4.14 14.03 -32.58
C SER A 500 5.19 12.97 -32.22
N SER A 501 6.10 13.35 -31.32
CA SER A 501 7.22 12.50 -30.91
C SER A 501 6.92 11.72 -29.64
N VAL A 502 7.37 10.46 -29.57
CA VAL A 502 7.13 9.62 -28.38
C VAL A 502 7.80 10.22 -27.15
N VAL A 503 7.14 10.06 -26.00
CA VAL A 503 7.65 10.54 -24.70
C VAL A 503 7.74 9.38 -23.73
N SER A 504 8.44 9.59 -22.61
CA SER A 504 8.73 8.51 -21.64
C SER A 504 9.16 8.92 -20.22
N THR A 505 9.92 9.99 -20.10
CA THR A 505 10.43 10.42 -18.79
C THR A 505 9.32 11.05 -17.93
N ALA A 506 9.56 11.10 -16.63
CA ALA A 506 8.64 11.72 -15.67
C ALA A 506 8.39 13.19 -15.98
N GLU A 507 9.41 13.87 -16.51
CA GLU A 507 9.34 15.29 -16.84
C GLU A 507 8.44 15.49 -18.06
N GLU A 508 8.74 14.75 -19.13
CA GLU A 508 7.97 14.81 -20.40
C GLU A 508 6.48 14.50 -20.22
N ILE A 509 6.21 13.41 -19.51
CA ILE A 509 4.83 13.02 -19.20
C ILE A 509 4.15 14.09 -18.34
N PHE A 510 4.86 14.55 -17.30
CA PHE A 510 4.31 15.59 -16.42
C PHE A 510 4.06 16.89 -17.18
N ALA A 511 4.96 17.25 -18.09
CA ALA A 511 4.78 18.43 -18.94
C ALA A 511 3.41 18.47 -19.61
N ILE A 512 3.04 17.35 -20.22
CA ILE A 512 1.77 17.22 -20.96
C ILE A 512 0.56 17.19 -20.00
N ALA A 513 0.64 16.33 -18.99
CA ALA A 513 -0.43 16.16 -18.00
C ALA A 513 -0.70 17.42 -17.19
N LYS A 514 0.36 18.18 -16.92
CA LYS A 514 0.29 19.49 -16.23
C LYS A 514 -0.71 20.42 -16.91
N GLU A 515 -0.57 20.57 -18.23
CA GLU A 515 -1.43 21.46 -19.00
C GLU A 515 -2.87 20.98 -19.10
N LEU A 516 -3.07 19.67 -19.22
CA LEU A 516 -4.42 19.08 -19.24
C LEU A 516 -5.13 19.37 -17.93
N LEU A 517 -4.40 19.19 -16.83
CA LEU A 517 -4.91 19.48 -15.50
C LEU A 517 -5.17 20.98 -15.30
N LYS A 518 -4.27 21.80 -15.83
CA LYS A 518 -4.44 23.26 -15.79
C LYS A 518 -5.75 23.67 -16.45
N THR A 519 -5.97 23.20 -17.68
CA THR A 519 -7.20 23.45 -18.44
C THR A 519 -8.45 23.18 -17.59
N GLU A 520 -8.43 22.07 -16.85
CA GLU A 520 -9.59 21.68 -16.02
C GLU A 520 -9.77 22.53 -14.77
N ILE A 521 -8.67 22.97 -14.17
CA ILE A 521 -8.73 23.90 -13.04
C ILE A 521 -9.24 25.26 -13.51
N ASP A 522 -8.72 25.71 -14.65
CA ASP A 522 -9.11 26.98 -15.28
C ASP A 522 -10.60 27.00 -15.68
N ALA A 523 -11.10 25.88 -16.20
CA ALA A 523 -12.49 25.77 -16.67
C ALA A 523 -13.56 25.96 -15.59
N ASP A 524 -13.29 25.49 -14.37
CA ASP A 524 -14.23 25.62 -13.23
C ASP A 524 -14.04 26.93 -12.45
N PHE A 525 -12.94 27.64 -12.74
CA PHE A 525 -12.53 28.85 -12.01
C PHE A 525 -13.68 29.86 -11.89
N PRO A 526 -13.87 30.50 -10.72
CA PRO A 526 -13.00 30.46 -9.54
C PRO A 526 -13.32 29.35 -8.53
N HIS A 527 -14.11 28.34 -8.90
CA HIS A 527 -14.31 27.18 -8.05
C HIS A 527 -13.10 26.23 -8.12
N PRO A 528 -12.63 25.73 -6.98
CA PRO A 528 -11.52 24.78 -7.00
C PRO A 528 -12.01 23.39 -7.39
N LEU A 529 -11.12 22.57 -7.93
CA LEU A 529 -11.45 21.18 -8.24
C LEU A 529 -11.44 20.35 -6.96
N ARG A 530 -12.62 19.90 -6.53
CA ARG A 530 -12.74 19.04 -5.36
C ARG A 530 -12.63 17.60 -5.80
N LEU A 531 -11.41 17.08 -5.83
CA LEU A 531 -11.25 15.71 -6.34
C LEU A 531 -10.83 14.68 -5.29
N ARG A 532 -11.22 13.44 -5.57
CA ARG A 532 -10.98 12.27 -4.73
C ARG A 532 -10.08 11.22 -5.38
N LEU A 533 -9.92 11.28 -6.70
CA LEU A 533 -9.00 10.40 -7.38
C LEU A 533 -8.41 11.11 -8.58
N MET A 534 -7.12 10.91 -8.78
CA MET A 534 -6.43 11.33 -9.98
C MET A 534 -5.74 10.10 -10.57
N GLY A 535 -5.55 10.12 -11.88
CA GLY A 535 -4.78 9.09 -12.57
C GLY A 535 -4.15 9.60 -13.84
N VAL A 536 -3.10 8.91 -14.29
CA VAL A 536 -2.41 9.24 -15.53
C VAL A 536 -2.23 7.96 -16.32
N ARG A 537 -2.50 8.03 -17.64
CA ARG A 537 -2.34 6.89 -18.52
C ARG A 537 -1.52 7.30 -19.73
N ILE A 538 -0.65 6.40 -20.20
CA ILE A 538 0.08 6.61 -21.45
C ILE A 538 -0.34 5.53 -22.45
N SER A 539 -0.40 5.91 -23.73
CA SER A 539 -0.84 5.02 -24.79
C SER A 539 -0.27 5.46 -26.16
N SER A 540 -0.60 4.72 -27.21
CA SER A 540 -0.13 4.96 -28.58
C SER A 540 1.36 4.62 -28.74
N PHE A 541 1.71 3.42 -28.30
CA PHE A 541 3.06 2.88 -28.48
C PHE A 541 3.26 2.52 -29.96
N PRO A 542 4.52 2.53 -30.46
CA PRO A 542 4.76 2.32 -31.89
C PRO A 542 4.62 0.85 -32.32
N ASN A 543 4.23 0.63 -33.58
CA ASN A 543 3.90 -0.71 -34.10
C ASN A 543 5.13 -1.46 -34.60
N ASP B 57 -7.71 7.90 32.63
CA ASP B 57 -6.41 8.25 33.30
C ASP B 57 -5.32 7.21 33.03
N LYS B 58 -4.08 7.59 33.34
CA LYS B 58 -2.91 6.74 33.11
C LYS B 58 -2.97 5.33 33.74
N GLU B 59 -3.68 5.21 34.87
CA GLU B 59 -3.83 3.91 35.54
C GLU B 59 -4.70 2.96 34.74
N LYS B 60 -5.90 3.43 34.35
CA LYS B 60 -6.84 2.63 33.56
C LYS B 60 -6.27 2.22 32.21
N ILE B 61 -5.54 3.14 31.56
CA ILE B 61 -4.94 2.92 30.23
C ILE B 61 -4.05 1.68 30.18
N ASN B 62 -2.96 1.70 30.93
CA ASN B 62 -2.02 0.56 30.95
C ASN B 62 -2.68 -0.78 31.29
N LYS B 63 -3.76 -0.75 32.06
CA LYS B 63 -4.56 -1.95 32.34
C LYS B 63 -5.24 -2.54 31.08
N ILE B 64 -5.75 -1.67 30.20
CA ILE B 64 -6.39 -2.13 28.94
C ILE B 64 -5.35 -2.66 27.95
N ILE B 65 -4.20 -1.99 27.87
CA ILE B 65 -3.12 -2.43 26.98
C ILE B 65 -2.61 -3.77 27.44
N MET B 66 -2.12 -3.85 28.67
CA MET B 66 -1.60 -5.10 29.23
C MET B 66 -2.59 -6.25 29.03
N GLU B 67 -3.88 -5.98 29.28
CA GLU B 67 -4.95 -6.97 29.05
C GLU B 67 -5.05 -7.40 27.58
N ALA B 68 -4.91 -6.44 26.66
CA ALA B 68 -4.93 -6.70 25.22
C ALA B 68 -3.63 -7.30 24.65
N THR B 69 -2.49 -6.81 25.13
CA THR B 69 -1.16 -7.23 24.65
C THR B 69 -0.74 -8.59 25.22
N LYS B 70 -1.00 -8.81 26.52
CA LYS B 70 -0.51 -10.01 27.22
C LYS B 70 -1.06 -11.27 26.57
N GLY B 71 -0.16 -12.25 26.35
CA GLY B 71 -0.51 -13.50 25.70
C GLY B 71 -0.11 -13.61 24.24
N SER B 72 -0.03 -12.47 23.55
CA SER B 72 0.38 -12.43 22.15
C SER B 72 1.83 -12.83 21.98
N ARG B 73 2.16 -13.31 20.78
CA ARG B 73 3.54 -13.68 20.43
C ARG B 73 4.46 -12.45 20.52
N PHE B 74 3.92 -11.29 20.17
CA PHE B 74 4.63 -10.01 20.26
C PHE B 74 5.09 -9.70 21.67
N TYR B 75 4.18 -9.85 22.63
CA TYR B 75 4.49 -9.55 24.04
C TYR B 75 5.56 -10.46 24.60
N GLY B 76 5.49 -11.74 24.24
CA GLY B 76 6.53 -12.71 24.56
C GLY B 76 7.93 -12.26 24.15
N ASN B 77 8.04 -11.64 22.98
CA ASN B 77 9.32 -11.12 22.50
C ASN B 77 9.75 -9.84 23.23
N GLU B 78 8.79 -9.02 23.63
CA GLU B 78 9.06 -7.81 24.41
C GLU B 78 9.62 -8.15 25.81
N LEU B 79 9.15 -9.26 26.39
CA LEU B 79 9.71 -9.76 27.65
C LEU B 79 11.14 -10.26 27.44
N LYS B 80 11.35 -11.10 26.43
CA LYS B 80 12.70 -11.58 26.07
C LYS B 80 13.68 -10.43 25.82
N LYS B 81 13.17 -9.32 25.30
CA LYS B 81 13.95 -8.11 25.05
C LYS B 81 14.23 -7.32 26.33
N GLU B 82 13.23 -7.22 27.21
CA GLU B 82 13.40 -6.54 28.50
C GLU B 82 14.40 -7.26 29.39
N LYS B 83 14.32 -8.59 29.45
CA LYS B 83 15.32 -9.40 30.15
C LYS B 83 16.72 -9.15 29.59
N GLN B 84 16.84 -9.11 28.25
CA GLN B 84 18.13 -8.82 27.58
C GLN B 84 18.69 -7.42 27.92
N VAL B 85 17.82 -6.46 28.18
CA VAL B 85 18.24 -5.10 28.58
C VAL B 85 18.53 -5.03 30.10
N ASN B 86 17.69 -5.65 30.92
CA ASN B 86 17.94 -5.76 32.39
C ASN B 86 19.28 -6.42 32.73
N GLN B 87 19.66 -7.42 31.93
CA GLN B 87 20.97 -8.05 32.04
C GLN B 87 22.08 -7.04 31.78
N ARG B 88 21.91 -6.24 30.74
CA ARG B 88 22.87 -5.20 30.37
C ARG B 88 23.03 -4.14 31.47
N ILE B 89 21.95 -3.89 32.22
CA ILE B 89 22.00 -3.05 33.44
C ILE B 89 22.78 -3.72 34.55
N GLU B 90 22.41 -4.97 34.89
CA GLU B 90 23.09 -5.74 35.95
C GLU B 90 24.61 -5.76 35.72
N ASN B 91 25.02 -5.97 34.47
CA ASN B 91 26.45 -5.96 34.08
C ASN B 91 27.13 -4.62 34.31
N MET B 92 26.40 -3.54 34.05
CA MET B 92 26.88 -2.18 34.31
C MET B 92 27.04 -1.93 35.81
N MET B 93 26.10 -2.40 36.63
CA MET B 93 26.17 -2.24 38.09
C MET B 93 27.33 -3.03 38.73
N GLN B 94 27.58 -4.24 38.23
CA GLN B 94 28.75 -5.04 38.66
C GLN B 94 30.05 -4.27 38.39
N GLN B 95 30.10 -3.59 37.25
CA GLN B 95 31.27 -2.82 36.84
C GLN B 95 31.42 -1.53 37.66
N LYS B 96 30.31 -0.91 38.05
CA LYS B 96 30.33 0.28 38.93
C LYS B 96 30.94 -0.04 40.31
N ALA B 97 30.53 -1.17 40.90
CA ALA B 97 31.05 -1.61 42.21
C ALA B 97 32.55 -1.89 42.22
N GLN B 98 33.11 -2.31 41.08
CA GLN B 98 34.56 -2.45 40.91
C GLN B 98 35.32 -1.12 40.68
N ILE B 99 34.60 0.00 40.57
CA ILE B 99 35.22 1.33 40.38
C ILE B 99 35.62 1.88 41.75
N THR B 100 36.86 2.31 41.87
CA THR B 100 37.44 2.80 43.15
C THR B 100 37.41 4.32 43.23
N SER B 101 37.40 4.85 44.45
CA SER B 101 37.48 6.30 44.71
C SER B 101 38.72 6.94 44.08
N GLN B 102 39.82 6.18 44.04
CA GLN B 102 41.04 6.56 43.31
C GLN B 102 40.80 6.75 41.80
N GLN B 103 40.10 5.79 41.20
CA GLN B 103 39.75 5.84 39.76
C GLN B 103 38.77 6.96 39.41
N LEU B 104 37.75 7.11 40.25
CA LEU B 104 36.74 8.16 40.11
C LEU B 104 37.40 9.54 40.05
N ARG B 105 38.38 9.77 40.93
CA ARG B 105 39.18 11.01 40.93
C ARG B 105 39.97 11.22 39.65
N LYS B 106 40.68 10.18 39.22
CA LYS B 106 41.51 10.24 38.01
C LYS B 106 40.67 10.62 36.80
N ALA B 107 39.48 10.01 36.72
CA ALA B 107 38.51 10.30 35.66
C ALA B 107 37.90 11.70 35.77
N GLN B 108 37.38 12.04 36.95
CA GLN B 108 36.83 13.38 37.28
C GLN B 108 37.71 14.54 36.86
N LEU B 109 39.01 14.41 37.11
CA LEU B 109 39.97 15.47 36.79
C LEU B 109 40.26 15.55 35.28
N GLN B 110 40.03 14.47 34.54
CA GLN B 110 40.20 14.45 33.07
C GLN B 110 38.91 14.66 32.27
N VAL B 111 37.76 14.39 32.88
CA VAL B 111 36.48 14.86 32.34
C VAL B 111 36.45 16.39 32.41
N ASP B 112 36.77 16.94 33.58
CA ASP B 112 36.81 18.39 33.79
C ASP B 112 37.82 19.13 32.90
N ARG B 113 38.90 18.45 32.51
CA ARG B 113 39.88 19.00 31.55
C ARG B 113 39.26 19.10 30.16
N PHE B 114 38.44 18.10 29.80
CA PHE B 114 37.69 18.12 28.54
C PHE B 114 36.48 19.06 28.59
N ALA B 115 35.75 19.05 29.72
CA ALA B 115 34.60 19.96 29.94
C ALA B 115 34.97 21.43 29.86
N MET B 116 36.22 21.75 30.22
CA MET B 116 36.75 23.10 30.10
C MET B 116 37.02 23.45 28.63
N GLU B 117 37.60 22.50 27.89
CA GLU B 117 37.84 22.65 26.45
C GLU B 117 36.54 22.92 25.67
N LEU B 118 35.45 22.25 26.07
CA LEU B 118 34.13 22.45 25.46
C LEU B 118 33.50 23.78 25.85
N GLU B 119 33.54 24.08 27.14
CA GLU B 119 32.93 25.28 27.70
C GLU B 119 33.53 26.58 27.14
N GLN B 120 34.86 26.60 26.97
CA GLN B 120 35.57 27.77 26.42
C GLN B 120 35.39 27.92 24.90
N SER B 121 35.00 26.85 24.21
CA SER B 121 34.64 26.90 22.78
C SER B 121 33.11 26.96 22.48
N ARG B 122 32.30 27.14 23.53
CA ARG B 122 30.83 27.30 23.39
C ARG B 122 30.47 28.41 22.42
N ASN B 123 29.63 28.11 21.44
CA ASN B 123 29.14 29.09 20.46
C ASN B 123 27.68 29.48 20.69
N LEU B 124 27.45 30.76 20.99
CA LEU B 124 26.10 31.34 21.17
C LEU B 124 25.69 32.35 20.10
N SER B 125 26.52 32.55 19.09
CA SER B 125 26.26 33.56 18.06
C SER B 125 25.18 33.15 17.05
N ASN B 126 24.97 31.85 16.85
CA ASN B 126 24.02 31.38 15.83
C ASN B 126 22.61 31.28 16.38
N THR B 127 21.62 31.42 15.47
CA THR B 127 20.20 31.29 15.83
C THR B 127 19.58 30.14 15.01
N ILE B 128 19.10 29.12 15.73
CA ILE B 128 18.64 27.88 15.13
C ILE B 128 17.17 27.65 15.45
N VAL B 129 16.38 27.35 14.43
CA VAL B 129 14.94 27.10 14.57
C VAL B 129 14.60 25.66 14.16
N HIS B 130 13.88 24.97 15.04
CA HIS B 130 13.29 23.67 14.71
C HIS B 130 11.82 23.89 14.51
N ILE B 131 11.31 23.53 13.34
CA ILE B 131 9.88 23.59 13.03
C ILE B 131 9.37 22.16 13.03
N ASP B 132 8.20 21.94 13.61
CA ASP B 132 7.61 20.61 13.74
C ASP B 132 6.10 20.74 13.59
N MET B 133 5.56 20.12 12.55
CA MET B 133 4.10 20.14 12.32
C MET B 133 3.36 19.42 13.44
N ASP B 134 2.17 19.94 13.72
CA ASP B 134 1.35 19.45 14.81
C ASP B 134 0.41 18.37 14.28
N ALA B 135 0.42 17.21 14.93
CA ALA B 135 -0.38 16.04 14.55
C ALA B 135 -0.44 15.81 13.02
N PHE B 136 0.71 15.99 12.37
CA PHE B 136 0.82 16.21 10.92
C PHE B 136 -0.16 15.44 10.02
N TYR B 137 -0.04 14.11 9.98
CA TYR B 137 -0.89 13.29 9.08
C TYR B 137 -2.36 13.47 9.43
N ALA B 138 -2.69 13.36 10.73
CA ALA B 138 -4.08 13.50 11.20
C ALA B 138 -4.66 14.91 10.98
N ALA B 139 -3.81 15.92 11.11
CA ALA B 139 -4.22 17.31 10.85
C ALA B 139 -4.63 17.53 9.40
N VAL B 140 -3.91 16.88 8.47
CA VAL B 140 -4.23 16.93 7.04
C VAL B 140 -5.58 16.27 6.74
N GLU B 141 -5.82 15.11 7.34
CA GLU B 141 -7.10 14.41 7.17
C GLU B 141 -8.25 15.16 7.82
N MET B 142 -7.96 15.86 8.92
CA MET B 142 -8.92 16.75 9.57
C MET B 142 -9.25 17.95 8.68
N ARG B 143 -8.22 18.53 8.07
CA ARG B 143 -8.37 19.68 7.17
C ARG B 143 -9.35 19.42 6.02
N ASP B 144 -9.29 18.23 5.43
CA ASP B 144 -10.02 17.90 4.20
C ASP B 144 -11.23 16.98 4.39
N ASN B 145 -11.68 16.84 5.63
CA ASN B 145 -12.94 16.16 5.93
C ASN B 145 -13.56 16.79 7.19
N PRO B 146 -14.60 17.64 7.02
CA PRO B 146 -15.27 18.29 8.16
C PRO B 146 -15.82 17.36 9.24
N GLU B 147 -16.38 16.23 8.84
CA GLU B 147 -17.00 15.28 9.77
C GLU B 147 -16.07 14.71 10.87
N LEU B 148 -14.78 15.06 10.80
CA LEU B 148 -13.80 14.77 11.85
C LEU B 148 -13.42 16.04 12.65
N LYS B 149 -14.31 17.01 12.72
CA LYS B 149 -13.97 18.29 13.37
C LYS B 149 -13.69 18.16 14.88
N ASP B 150 -14.72 17.84 15.65
CA ASP B 150 -14.63 17.77 17.12
C ASP B 150 -14.61 16.30 17.54
N LYS B 151 -13.70 15.52 16.94
CA LYS B 151 -13.73 14.05 17.06
C LYS B 151 -12.31 13.47 17.19
N PRO B 152 -12.16 12.35 17.92
CA PRO B 152 -10.85 11.72 18.03
C PRO B 152 -10.52 10.85 16.81
N ILE B 153 -9.34 11.07 16.23
CA ILE B 153 -8.91 10.32 15.03
C ILE B 153 -7.45 9.88 15.09
N ALA B 154 -7.15 8.89 14.26
CA ALA B 154 -5.78 8.45 14.04
C ALA B 154 -5.62 8.01 12.60
N VAL B 155 -4.42 8.21 12.05
CA VAL B 155 -4.11 7.82 10.69
C VAL B 155 -3.43 6.47 10.73
N GLY B 156 -3.98 5.52 9.98
CA GLY B 156 -3.35 4.20 9.82
C GLY B 156 -4.33 3.13 9.44
N SER B 157 -4.01 1.91 9.86
CA SER B 157 -4.87 0.77 9.69
C SER B 157 -5.27 0.26 11.06
N MET B 158 -6.08 -0.80 11.06
CA MET B 158 -6.43 -1.51 12.27
C MET B 158 -5.22 -2.24 12.86
N SER B 159 -4.25 -2.59 12.01
CA SER B 159 -3.01 -3.25 12.45
C SER B 159 -2.01 -2.29 13.08
N MET B 160 -1.94 -1.05 12.58
CA MET B 160 -0.93 -0.08 13.07
C MET B 160 -1.34 1.36 12.79
N LEU B 161 -0.96 2.26 13.69
CA LEU B 161 -1.26 3.70 13.57
C LEU B 161 0.03 4.50 13.38
N SER B 162 -0.04 5.49 12.48
CA SER B 162 1.08 6.40 12.19
C SER B 162 1.17 7.46 13.26
N THR B 163 0.03 8.08 13.53
CA THR B 163 -0.10 9.12 14.54
C THR B 163 -1.58 9.28 14.92
N SER B 164 -1.83 10.18 15.86
CA SER B 164 -3.18 10.50 16.31
C SER B 164 -3.29 11.97 16.67
N ASN B 165 -4.49 12.51 16.50
CA ASN B 165 -4.76 13.92 16.87
C ASN B 165 -4.86 14.06 18.39
N TYR B 166 -4.74 15.31 18.86
CA TYR B 166 -4.61 15.57 20.30
C TYR B 166 -5.84 15.17 21.10
N HIS B 167 -7.00 15.27 20.48
CA HIS B 167 -8.24 14.74 21.05
C HIS B 167 -8.08 13.27 21.40
N ALA B 168 -7.59 12.49 20.43
CA ALA B 168 -7.39 11.05 20.61
C ALA B 168 -6.23 10.73 21.56
N ARG B 169 -5.20 11.59 21.58
CA ARG B 169 -4.07 11.44 22.51
C ARG B 169 -4.50 11.47 23.99
N ARG B 170 -5.57 12.21 24.28
CA ARG B 170 -6.16 12.23 25.63
C ARG B 170 -6.71 10.87 26.11
N PHE B 171 -7.04 9.98 25.17
CA PHE B 171 -7.44 8.60 25.50
C PHE B 171 -6.29 7.60 25.62
N GLY B 172 -5.07 8.06 25.31
CA GLY B 172 -3.88 7.22 25.33
C GLY B 172 -3.51 6.61 23.98
N VAL B 173 -4.24 6.95 22.91
CA VAL B 173 -3.96 6.40 21.57
C VAL B 173 -2.79 7.22 21.02
N ARG B 174 -1.75 6.52 20.56
CA ARG B 174 -0.51 7.16 20.17
C ARG B 174 0.05 6.57 18.87
N ALA B 175 1.06 7.24 18.35
CA ALA B 175 1.85 6.74 17.22
C ALA B 175 2.45 5.40 17.59
N ALA B 176 2.68 4.57 16.59
CA ALA B 176 3.25 3.22 16.75
C ALA B 176 2.37 2.28 17.60
N MET B 177 1.08 2.58 17.73
CA MET B 177 0.13 1.70 18.42
C MET B 177 -0.75 0.98 17.39
N PRO B 178 -1.06 -0.31 17.64
CA PRO B 178 -2.02 -0.98 16.75
C PRO B 178 -3.44 -0.43 16.90
N GLY B 179 -4.15 -0.33 15.78
CA GLY B 179 -5.51 0.21 15.75
C GLY B 179 -6.48 -0.56 16.63
N PHE B 180 -6.41 -1.88 16.59
CA PHE B 180 -7.31 -2.74 17.37
C PHE B 180 -7.18 -2.53 18.89
N ILE B 181 -5.97 -2.23 19.34
CA ILE B 181 -5.75 -1.81 20.73
C ILE B 181 -6.31 -0.41 20.95
N ALA B 182 -6.00 0.53 20.06
CA ALA B 182 -6.50 1.90 20.18
C ALA B 182 -8.02 2.01 20.25
N LYS B 183 -8.73 1.13 19.53
CA LYS B 183 -10.20 1.10 19.55
C LYS B 183 -10.76 0.61 20.88
N ARG B 184 -10.03 -0.27 21.57
CA ARG B 184 -10.38 -0.64 22.95
C ARG B 184 -10.26 0.56 23.91
N LEU B 185 -9.22 1.38 23.73
CA LEU B 185 -9.05 2.62 24.52
C LEU B 185 -10.04 3.75 24.17
N CYS B 186 -10.65 3.67 22.99
CA CYS B 186 -11.51 4.75 22.50
C CYS B 186 -12.37 4.19 21.35
N PRO B 187 -13.52 3.56 21.68
CA PRO B 187 -14.38 2.95 20.65
C PRO B 187 -14.90 3.93 19.58
N GLN B 188 -15.08 5.19 19.96
CA GLN B 188 -15.49 6.24 19.02
C GLN B 188 -14.38 6.66 18.03
N LEU B 189 -13.16 6.15 18.23
CA LEU B 189 -12.01 6.51 17.41
C LEU B 189 -12.25 6.25 15.95
N ILE B 190 -11.81 7.20 15.14
CA ILE B 190 -11.93 7.14 13.70
C ILE B 190 -10.53 6.87 13.13
N ILE B 191 -10.36 5.69 12.53
CA ILE B 191 -9.11 5.34 11.87
C ILE B 191 -9.24 5.65 10.38
N VAL B 192 -8.47 6.62 9.91
CA VAL B 192 -8.48 7.05 8.52
C VAL B 192 -7.26 6.48 7.81
N PRO B 193 -7.45 5.81 6.67
CA PRO B 193 -6.28 5.31 5.93
C PRO B 193 -5.31 6.42 5.50
N PRO B 194 -3.99 6.14 5.51
CA PRO B 194 -3.02 7.15 5.13
C PRO B 194 -3.05 7.52 3.64
N ASN B 195 -2.72 8.79 3.37
CA ASN B 195 -2.55 9.32 2.03
C ASN B 195 -1.23 10.06 1.97
N PHE B 196 -0.16 9.28 1.92
CA PHE B 196 1.21 9.82 1.91
C PHE B 196 1.49 10.87 0.80
N ASP B 197 0.81 10.72 -0.34
CA ASP B 197 0.99 11.63 -1.47
C ASP B 197 0.53 13.04 -1.14
N LYS B 198 -0.50 13.14 -0.31
CA LYS B 198 -0.93 14.43 0.20
C LYS B 198 0.09 15.04 1.15
N TYR B 199 0.57 14.21 2.08
CA TYR B 199 1.50 14.67 3.10
C TYR B 199 2.78 15.18 2.46
N ARG B 200 3.27 14.46 1.46
CA ARG B 200 4.43 14.91 0.66
C ARG B 200 4.17 16.28 0.00
N ALA B 201 2.96 16.46 -0.51
CA ALA B 201 2.55 17.70 -1.15
C ALA B 201 2.43 18.88 -0.18
N VAL B 202 1.85 18.61 1.00
CA VAL B 202 1.75 19.62 2.06
C VAL B 202 3.16 20.00 2.51
N SER B 203 3.99 18.99 2.75
CA SER B 203 5.41 19.18 3.07
C SER B 203 6.12 20.09 2.07
N LYS B 204 5.88 19.87 0.77
CA LYS B 204 6.48 20.71 -0.29
C LYS B 204 6.07 22.19 -0.12
N GLU B 205 4.82 22.42 0.25
CA GLU B 205 4.32 23.78 0.50
C GLU B 205 5.06 24.50 1.64
N VAL B 206 5.36 23.77 2.71
CA VAL B 206 6.05 24.37 3.86
C VAL B 206 7.55 24.51 3.55
N LYS B 207 8.16 23.50 2.94
CA LYS B 207 9.56 23.61 2.48
C LYS B 207 9.82 24.84 1.59
N GLU B 208 8.83 25.25 0.80
CA GLU B 208 8.91 26.48 -0.02
C GLU B 208 8.96 27.76 0.82
N ILE B 209 8.16 27.81 1.89
CA ILE B 209 8.22 28.93 2.86
C ILE B 209 9.57 28.96 3.57
N LEU B 210 9.94 27.83 4.17
CA LEU B 210 11.20 27.71 4.93
C LEU B 210 12.45 28.10 4.11
N ALA B 211 12.41 27.88 2.80
CA ALA B 211 13.51 28.25 1.91
C ALA B 211 13.79 29.76 1.81
N ASP B 212 12.82 30.60 2.16
CA ASP B 212 13.01 32.06 2.25
C ASP B 212 13.95 32.49 3.37
N TYR B 213 13.97 31.71 4.46
CA TYR B 213 14.68 32.10 5.69
C TYR B 213 16.05 31.45 5.81
N ASP B 214 16.19 30.25 5.23
CA ASP B 214 17.48 29.61 5.10
C ASP B 214 17.40 28.73 3.87
N PRO B 215 18.10 29.08 2.76
CA PRO B 215 18.04 28.19 1.60
C PRO B 215 18.67 26.81 1.80
N ASN B 216 19.53 26.67 2.82
CA ASN B 216 20.18 25.39 3.14
C ASN B 216 19.72 24.76 4.47
N PHE B 217 18.42 24.85 4.74
CA PHE B 217 17.83 24.18 5.91
C PHE B 217 17.82 22.66 5.76
N MET B 218 17.78 21.96 6.89
CA MET B 218 17.79 20.50 6.92
C MET B 218 16.37 20.02 7.15
N ALA B 219 15.82 19.29 6.18
CA ALA B 219 14.55 18.58 6.38
C ALA B 219 14.83 17.20 6.99
N MET B 220 14.35 16.98 8.20
CA MET B 220 14.53 15.71 8.90
C MET B 220 13.50 14.66 8.48
N SER B 221 12.29 15.11 8.19
CA SER B 221 11.26 14.25 7.63
C SER B 221 10.28 15.15 6.87
N LEU B 222 9.10 14.64 6.52
CA LEU B 222 8.09 15.47 5.87
C LEU B 222 7.65 16.61 6.78
N ASP B 223 7.41 16.33 8.06
CA ASP B 223 6.89 17.35 9.00
C ASP B 223 7.93 18.21 9.75
N GLU B 224 9.23 17.94 9.58
CA GLU B 224 10.28 18.60 10.38
C GLU B 224 11.39 19.21 9.58
N ALA B 225 11.95 20.27 10.16
CA ALA B 225 13.15 20.87 9.62
C ALA B 225 13.89 21.72 10.64
N TYR B 226 15.20 21.86 10.43
CA TYR B 226 16.04 22.79 11.17
C TYR B 226 16.40 23.93 10.23
N LEU B 227 16.41 25.17 10.75
CA LEU B 227 16.82 26.35 9.97
C LEU B 227 17.88 27.12 10.70
N ASN B 228 18.87 27.60 9.97
CA ASN B 228 19.84 28.54 10.50
C ASN B 228 19.50 29.95 9.98
N ILE B 229 18.76 30.70 10.81
CA ILE B 229 18.27 32.03 10.42
C ILE B 229 19.22 33.18 10.80
N THR B 230 20.45 32.85 11.20
CA THR B 230 21.43 33.86 11.56
C THR B 230 21.62 34.89 10.45
N LYS B 231 21.98 34.42 9.26
CA LYS B 231 22.25 35.33 8.11
C LYS B 231 21.01 36.11 7.65
N HIS B 232 19.82 35.52 7.80
CA HIS B 232 18.56 36.22 7.52
C HIS B 232 18.28 37.33 8.52
N LEU B 233 18.52 37.05 9.80
CA LEU B 233 18.31 38.06 10.86
C LEU B 233 19.20 39.30 10.69
N GLU B 234 20.43 39.07 10.21
CA GLU B 234 21.37 40.15 9.89
C GLU B 234 20.81 41.10 8.83
N GLU B 235 20.33 40.54 7.72
CA GLU B 235 19.68 41.34 6.65
C GLU B 235 18.39 42.01 7.10
N ARG B 236 17.58 41.28 7.86
CA ARG B 236 16.26 41.73 8.33
C ARG B 236 16.31 42.93 9.29
N GLN B 237 17.43 43.11 9.99
CA GLN B 237 17.63 44.29 10.86
C GLN B 237 17.36 45.62 10.14
N ASN B 238 17.82 45.72 8.89
CA ASN B 238 17.67 46.92 8.07
C ASN B 238 16.66 46.75 6.91
N TRP B 239 15.55 46.05 7.17
CA TRP B 239 14.44 45.86 6.19
C TRP B 239 13.35 46.91 6.45
N PRO B 240 12.66 47.38 5.39
CA PRO B 240 11.43 48.19 5.57
C PRO B 240 10.19 47.33 5.90
N GLU B 241 9.14 47.98 6.39
CA GLU B 241 7.90 47.27 6.78
C GLU B 241 7.16 46.57 5.64
N ASP B 242 7.36 47.05 4.40
CA ASP B 242 6.79 46.42 3.19
C ASP B 242 7.30 45.00 2.99
N LYS B 243 8.61 44.80 3.14
CA LYS B 243 9.25 43.48 2.98
C LYS B 243 8.87 42.42 4.03
N ARG B 244 8.27 42.85 5.14
CA ARG B 244 7.84 41.93 6.21
C ARG B 244 6.40 42.22 6.64
N ARG B 245 5.53 42.41 5.65
CA ARG B 245 4.08 42.59 5.83
C ARG B 245 3.36 41.52 5.02
N TYR B 246 2.37 40.88 5.65
CA TYR B 246 1.62 39.76 5.05
C TYR B 246 0.12 39.93 5.28
N PHE B 247 -0.65 39.69 4.22
CA PHE B 247 -2.09 39.95 4.21
C PHE B 247 -2.83 38.69 4.69
N ILE B 248 -3.89 38.88 5.48
CA ILE B 248 -4.63 37.76 6.09
C ILE B 248 -5.66 37.19 5.12
N LYS B 249 -5.78 35.85 5.12
CA LYS B 249 -6.76 35.12 4.33
C LYS B 249 -7.85 34.56 5.25
N ASN B 307 -7.95 43.41 7.60
CA ASN B 307 -6.93 42.57 8.21
C ASN B 307 -5.68 42.37 7.31
N SER B 308 -4.52 42.55 7.93
CA SER B 308 -3.20 42.39 7.30
C SER B 308 -2.26 42.47 8.49
N VAL B 309 -1.05 41.92 8.39
CA VAL B 309 -0.10 41.95 9.52
C VAL B 309 1.32 42.19 9.09
N VAL B 310 2.13 42.64 10.05
CA VAL B 310 3.56 42.81 9.87
C VAL B 310 4.26 42.28 11.10
N PHE B 311 5.49 41.81 10.91
CA PHE B 311 6.25 41.14 11.95
C PHE B 311 7.54 41.89 12.19
N GLY B 312 8.01 41.84 13.43
CA GLY B 312 9.21 42.55 13.85
C GLY B 312 10.53 42.07 13.26
N THR B 313 11.62 42.60 13.80
CA THR B 313 12.96 42.34 13.29
C THR B 313 13.67 41.21 14.08
N SER B 314 13.03 40.76 15.17
CA SER B 314 13.63 39.78 16.10
C SER B 314 13.46 38.33 15.65
N ALA B 315 14.21 37.45 16.30
CA ALA B 315 14.15 36.00 16.06
C ALA B 315 12.78 35.42 16.41
N GLN B 316 12.25 35.81 17.58
CA GLN B 316 10.88 35.43 17.98
C GLN B 316 9.86 35.82 16.93
N GLU B 317 10.01 37.03 16.39
CA GLU B 317 9.08 37.53 15.37
C GLU B 317 9.23 36.80 14.01
N VAL B 318 10.48 36.59 13.57
CA VAL B 318 10.73 35.82 12.33
C VAL B 318 9.98 34.49 12.35
N VAL B 319 10.06 33.78 13.47
CA VAL B 319 9.40 32.47 13.63
C VAL B 319 7.87 32.62 13.66
N LYS B 320 7.35 33.70 14.23
CA LYS B 320 5.91 33.98 14.18
C LYS B 320 5.42 34.17 12.74
N GLU B 321 6.27 34.78 11.91
CA GLU B 321 6.00 34.96 10.47
C GLU B 321 5.99 33.61 9.73
N ILE B 322 6.98 32.77 10.02
CA ILE B 322 7.07 31.41 9.44
C ILE B 322 5.83 30.58 9.79
N ARG B 323 5.49 30.50 11.06
CA ARG B 323 4.32 29.74 11.51
C ARG B 323 3.01 30.28 10.94
N PHE B 324 2.93 31.61 10.81
CA PHE B 324 1.76 32.28 10.20
C PHE B 324 1.62 31.91 8.73
N ARG B 325 2.68 32.14 7.95
CA ARG B 325 2.72 31.79 6.51
C ARG B 325 2.39 30.31 6.23
N ILE B 326 2.82 29.42 7.12
CA ILE B 326 2.51 27.99 7.07
C ILE B 326 1.00 27.76 7.25
N GLU B 327 0.45 28.32 8.33
CA GLU B 327 -1.00 28.23 8.60
C GLU B 327 -1.84 28.84 7.48
N GLN B 328 -1.32 29.88 6.83
CA GLN B 328 -1.99 30.49 5.67
C GLN B 328 -2.01 29.57 4.46
N LYS B 329 -0.83 29.12 4.06
CA LYS B 329 -0.67 28.29 2.85
C LYS B 329 -1.34 26.92 2.96
N THR B 330 -1.32 26.34 4.16
CA THR B 330 -1.77 24.96 4.35
C THR B 330 -3.01 24.76 5.21
N THR B 331 -3.42 25.79 5.94
CA THR B 331 -4.47 25.69 6.98
C THR B 331 -4.14 24.68 8.09
N LEU B 332 -2.84 24.55 8.38
CA LEU B 332 -2.31 23.64 9.41
C LEU B 332 -1.32 24.37 10.32
N THR B 333 -1.35 24.05 11.61
CA THR B 333 -0.48 24.68 12.60
C THR B 333 0.84 23.93 12.73
N ALA B 334 1.90 24.68 13.02
CA ALA B 334 3.20 24.13 13.38
C ALA B 334 3.61 24.66 14.73
N SER B 335 4.53 23.95 15.40
CA SER B 335 5.22 24.44 16.58
C SER B 335 6.70 24.65 16.25
N ALA B 336 7.35 25.50 17.03
CA ALA B 336 8.74 25.88 16.74
C ALA B 336 9.59 26.11 17.98
N GLY B 337 10.90 25.94 17.83
CA GLY B 337 11.87 26.13 18.89
C GLY B 337 13.02 26.99 18.41
N ILE B 338 13.50 27.87 19.28
CA ILE B 338 14.58 28.79 18.94
C ILE B 338 15.67 28.69 20.00
N ALA B 339 16.92 28.53 19.56
CA ALA B 339 18.04 28.31 20.47
C ALA B 339 19.35 28.42 19.71
N PRO B 340 20.48 28.52 20.44
CA PRO B 340 21.77 28.65 19.74
C PRO B 340 22.32 27.38 19.12
N ASN B 341 21.69 26.22 19.39
CA ASN B 341 22.08 24.97 18.73
C ASN B 341 20.89 24.03 18.43
N THR B 342 21.14 23.05 17.57
CA THR B 342 20.10 22.12 17.11
C THR B 342 19.47 21.29 18.24
N MET B 343 20.32 20.81 19.16
CA MET B 343 19.86 19.95 20.25
C MET B 343 18.82 20.66 21.12
N LEU B 344 19.14 21.89 21.52
CA LEU B 344 18.23 22.72 22.32
C LEU B 344 16.96 23.10 21.56
N ALA B 345 17.14 23.52 20.32
CA ALA B 345 16.02 23.91 19.45
C ALA B 345 14.96 22.82 19.37
N LYS B 346 15.40 21.59 19.07
CA LYS B 346 14.55 20.40 19.02
C LYS B 346 13.74 20.19 20.30
N VAL B 347 14.38 20.41 21.46
CA VAL B 347 13.72 20.20 22.75
C VAL B 347 12.65 21.26 23.02
N CYS B 348 13.00 22.53 22.78
CA CYS B 348 12.08 23.64 23.08
C CYS B 348 10.94 23.73 22.05
N SER B 349 11.13 23.16 20.86
CA SER B 349 10.05 22.96 19.89
C SER B 349 8.86 22.09 20.40
N ASP B 350 9.16 21.16 21.29
CA ASP B 350 8.15 20.33 21.94
C ASP B 350 7.50 21.03 23.15
N LYS B 351 8.15 22.05 23.70
CA LYS B 351 7.71 22.73 24.93
C LYS B 351 6.28 23.27 24.81
N ASN B 352 6.06 24.20 23.90
CA ASN B 352 4.75 24.85 23.72
C ASN B 352 4.03 24.29 22.50
N LYS B 353 3.99 22.96 22.42
CA LYS B 353 3.29 22.25 21.36
C LYS B 353 1.91 21.87 21.91
N PRO B 354 0.83 22.02 21.13
CA PRO B 354 0.83 22.44 19.72
C PRO B 354 0.63 23.94 19.51
N ASN B 355 0.99 24.39 18.32
CA ASN B 355 0.76 25.76 17.86
C ASN B 355 1.41 26.83 18.75
N GLY B 356 2.68 26.60 19.09
CA GLY B 356 3.43 27.54 19.92
C GLY B 356 4.93 27.48 19.74
N GLN B 357 5.59 28.46 20.34
CA GLN B 357 7.03 28.65 20.23
C GLN B 357 7.72 28.62 21.58
N TYR B 358 9.04 28.54 21.54
CA TYR B 358 9.89 28.85 22.70
C TYR B 358 11.28 29.26 22.24
N GLN B 359 11.84 30.26 22.90
CA GLN B 359 13.22 30.67 22.66
C GLN B 359 14.06 30.51 23.92
N ILE B 360 15.22 29.88 23.74
CA ILE B 360 16.31 29.97 24.68
C ILE B 360 17.20 31.06 24.10
N LEU B 361 17.22 32.22 24.76
CA LEU B 361 18.04 33.37 24.35
C LEU B 361 19.52 33.00 24.36
N PRO B 362 20.34 33.64 23.51
CA PRO B 362 21.74 33.23 23.35
C PRO B 362 22.69 33.74 24.47
N ASN B 363 22.33 33.47 25.73
CA ASN B 363 23.21 33.72 26.88
C ASN B 363 23.36 32.45 27.71
N ARG B 364 24.58 32.24 28.23
CA ARG B 364 24.94 30.99 28.93
C ARG B 364 24.01 30.69 30.11
N GLN B 365 23.55 31.73 30.80
CA GLN B 365 22.71 31.54 31.98
C GLN B 365 21.33 30.96 31.64
N ALA B 366 20.71 31.48 30.59
CA ALA B 366 19.39 31.00 30.11
C ALA B 366 19.42 29.52 29.64
N VAL B 367 20.50 29.17 28.93
CA VAL B 367 20.76 27.80 28.52
C VAL B 367 20.70 26.89 29.75
N MET B 368 21.49 27.24 30.76
CA MET B 368 21.60 26.42 31.97
C MET B 368 20.31 26.34 32.78
N ASP B 369 19.59 27.45 32.86
CA ASP B 369 18.31 27.48 33.58
C ASP B 369 17.25 26.56 32.95
N PHE B 370 17.29 26.47 31.62
CA PHE B 370 16.43 25.52 30.88
C PHE B 370 16.80 24.06 31.09
N ILE B 371 18.08 23.75 30.95
CA ILE B 371 18.52 22.34 31.06
C ILE B 371 18.51 21.86 32.51
N LYS B 372 18.71 22.76 33.47
CA LYS B 372 18.63 22.43 34.88
C LYS B 372 17.21 21.89 35.05
N ASP B 373 17.07 20.63 35.44
CA ASP B 373 15.75 19.97 35.63
C ASP B 373 15.06 19.37 34.41
N LEU B 374 15.71 19.42 33.25
CA LEU B 374 15.14 18.86 32.02
C LEU B 374 15.33 17.34 32.02
N PRO B 375 14.23 16.55 31.96
CA PRO B 375 14.43 15.10 31.85
C PRO B 375 15.23 14.72 30.59
N ILE B 376 16.18 13.78 30.76
CA ILE B 376 17.11 13.43 29.67
C ILE B 376 16.46 12.76 28.46
N ARG B 377 15.34 12.09 28.68
CA ARG B 377 14.55 11.44 27.61
C ARG B 377 14.22 12.38 26.43
N LYS B 378 13.83 13.61 26.82
CA LYS B 378 13.42 14.69 25.92
C LYS B 378 14.49 15.13 24.94
N VAL B 379 15.75 14.78 25.19
CA VAL B 379 16.82 15.03 24.22
C VAL B 379 16.73 14.00 23.08
N SER B 380 17.05 14.47 21.87
CA SER B 380 17.07 13.62 20.68
C SER B 380 18.32 12.75 20.76
N GLY B 381 18.11 11.44 20.85
CA GLY B 381 19.20 10.46 20.95
C GLY B 381 19.23 9.69 22.26
N ILE B 382 18.49 10.16 23.25
CA ILE B 382 18.23 9.40 24.48
C ILE B 382 16.88 8.72 24.34
N GLY B 383 16.89 7.39 24.16
CA GLY B 383 15.66 6.60 23.96
C GLY B 383 15.30 5.79 25.18
N LYS B 384 14.43 4.81 25.00
CA LYS B 384 13.85 4.04 26.13
C LYS B 384 14.91 3.32 26.96
N VAL B 385 15.89 2.74 26.27
CA VAL B 385 16.96 1.98 26.91
C VAL B 385 17.90 2.89 27.68
N THR B 386 18.53 3.83 26.98
CA THR B 386 19.45 4.79 27.61
C THR B 386 18.83 5.47 28.84
N GLU B 387 17.53 5.79 28.78
CA GLU B 387 16.82 6.33 29.94
C GLU B 387 16.81 5.36 31.12
N LYS B 388 16.41 4.11 30.84
CA LYS B 388 16.31 3.08 31.88
C LYS B 388 17.68 2.71 32.47
N MET B 389 18.72 2.72 31.64
CA MET B 389 20.08 2.49 32.12
C MET B 389 20.55 3.63 33.01
N LEU B 390 20.45 4.85 32.51
CA LEU B 390 20.84 6.03 33.28
C LEU B 390 20.00 6.24 34.54
N LYS B 391 18.72 5.86 34.51
CA LYS B 391 17.86 5.95 35.69
C LYS B 391 18.38 5.07 36.82
N ALA B 392 18.86 3.88 36.47
CA ALA B 392 19.45 2.95 37.46
C ALA B 392 20.73 3.49 38.13
N LEU B 393 21.38 4.46 37.49
CA LEU B 393 22.43 5.28 38.13
C LEU B 393 21.90 6.55 38.82
N GLY B 394 20.58 6.59 39.10
CA GLY B 394 19.92 7.77 39.67
C GLY B 394 19.79 9.00 38.77
N ILE B 395 20.10 8.86 37.48
CA ILE B 395 20.13 9.99 36.54
C ILE B 395 18.81 10.10 35.80
N ILE B 396 18.11 11.20 36.04
CA ILE B 396 16.85 11.51 35.37
C ILE B 396 16.93 12.87 34.66
N THR B 397 17.45 13.90 35.33
CA THR B 397 17.57 15.25 34.76
C THR B 397 18.97 15.50 34.20
N CYS B 398 19.13 16.63 33.50
CA CYS B 398 20.42 16.95 32.85
C CYS B 398 21.50 17.45 33.81
N THR B 399 21.12 17.94 34.98
CA THR B 399 22.10 18.32 36.01
C THR B 399 22.63 17.07 36.72
N GLU B 400 21.74 16.11 37.01
CA GLU B 400 22.15 14.78 37.48
C GLU B 400 23.12 14.12 36.49
N LEU B 401 22.88 14.31 35.20
CA LEU B 401 23.77 13.82 34.15
C LEU B 401 25.14 14.48 34.22
N TYR B 402 25.18 15.78 34.52
CA TYR B 402 26.43 16.51 34.75
C TYR B 402 27.18 16.00 35.98
N GLN B 403 26.45 15.90 37.10
CA GLN B 403 27.00 15.46 38.38
C GLN B 403 27.75 14.11 38.28
N GLN B 404 27.17 13.16 37.54
CA GLN B 404 27.73 11.81 37.40
C GLN B 404 28.72 11.64 36.24
N ARG B 405 29.17 12.75 35.66
CA ARG B 405 30.02 12.71 34.46
C ARG B 405 31.29 11.87 34.54
N ALA B 406 31.90 11.83 35.73
CA ALA B 406 33.08 10.98 35.98
C ALA B 406 32.70 9.52 35.85
N LEU B 407 31.73 9.10 36.68
CA LEU B 407 31.22 7.73 36.66
C LEU B 407 30.86 7.28 35.23
N LEU B 408 30.20 8.16 34.48
CA LEU B 408 29.81 7.88 33.11
C LEU B 408 30.99 7.62 32.17
N SER B 409 32.10 8.31 32.41
CA SER B 409 33.31 8.13 31.60
C SER B 409 34.03 6.79 31.84
N LEU B 410 33.64 6.09 32.90
CA LEU B 410 34.12 4.72 33.16
C LEU B 410 33.12 3.61 32.82
N LEU B 411 31.82 3.92 32.81
CA LEU B 411 30.77 2.95 32.45
C LEU B 411 30.43 2.88 30.96
N PHE B 412 30.69 3.97 30.23
CA PHE B 412 30.31 4.07 28.82
C PHE B 412 31.48 4.37 27.90
N SER B 413 31.27 4.09 26.62
CA SER B 413 32.29 4.32 25.58
C SER B 413 32.56 5.80 25.39
N GLU B 414 33.70 6.10 24.76
CA GLU B 414 34.17 7.48 24.61
C GLU B 414 33.09 8.36 23.98
N THR B 415 32.57 7.88 22.85
CA THR B 415 31.53 8.57 22.10
C THR B 415 30.25 8.84 22.89
N SER B 416 29.82 7.87 23.68
CA SER B 416 28.60 8.01 24.48
C SER B 416 28.72 9.03 25.61
N TRP B 417 29.83 9.03 26.35
CA TRP B 417 29.99 9.99 27.46
C TRP B 417 30.37 11.40 26.97
N HIS B 418 31.16 11.47 25.90
CA HIS B 418 31.38 12.73 25.17
C HIS B 418 30.03 13.37 24.79
N TYR B 419 29.14 12.54 24.26
CA TYR B 419 27.79 12.96 23.89
C TYR B 419 27.00 13.39 25.15
N PHE B 420 26.99 12.56 26.19
CA PHE B 420 26.27 12.90 27.46
C PHE B 420 26.75 14.21 28.08
N LEU B 421 28.05 14.50 27.94
CA LEU B 421 28.62 15.74 28.47
C LEU B 421 28.12 16.95 27.69
N HIS B 422 28.15 16.85 26.36
CA HIS B 422 27.57 17.87 25.47
C HIS B 422 26.15 18.22 25.91
N ILE B 423 25.33 17.20 26.18
CA ILE B 423 23.96 17.41 26.66
C ILE B 423 23.95 18.09 28.03
N SER B 424 24.76 17.56 28.94
CA SER B 424 24.88 18.10 30.30
C SER B 424 25.20 19.60 30.35
N LEU B 425 25.98 20.05 29.37
CA LEU B 425 26.37 21.47 29.26
C LEU B 425 25.52 22.30 28.29
N GLY B 426 24.41 21.73 27.79
CA GLY B 426 23.56 22.43 26.82
C GLY B 426 24.22 22.75 25.48
N LEU B 427 25.08 21.84 25.02
CA LEU B 427 25.80 22.03 23.77
C LEU B 427 25.22 21.16 22.67
N GLY B 428 25.59 21.51 21.44
CA GLY B 428 25.12 20.80 20.26
C GLY B 428 25.52 21.51 18.98
N SER B 429 25.05 20.98 17.86
CA SER B 429 25.48 21.48 16.54
C SER B 429 24.93 22.89 16.26
N THR B 430 25.82 23.79 15.82
CA THR B 430 25.44 25.19 15.53
C THR B 430 25.39 25.56 14.06
N HIS B 431 25.81 24.64 13.19
CA HIS B 431 25.63 24.83 11.75
C HIS B 431 25.04 23.53 11.19
N LEU B 432 24.34 23.63 10.07
CA LEU B 432 23.66 22.48 9.48
C LEU B 432 24.53 21.88 8.38
N THR B 433 25.12 20.71 8.65
CA THR B 433 26.10 20.10 7.74
C THR B 433 25.38 19.46 6.55
N ARG B 434 25.59 20.00 5.35
CA ARG B 434 24.87 19.53 4.15
C ARG B 434 24.82 18.00 4.08
N ASP B 435 23.60 17.44 3.99
CA ASP B 435 23.39 15.98 4.06
C ASP B 435 24.17 15.24 2.97
N GLY B 436 25.12 14.40 3.39
CA GLY B 436 26.01 13.71 2.46
C GLY B 436 25.39 12.57 1.67
N GLU B 437 26.25 11.79 1.03
CA GLU B 437 25.84 10.67 0.17
C GLU B 437 25.29 9.51 0.99
N ARG B 438 24.28 8.81 0.46
CA ARG B 438 23.64 7.72 1.19
C ARG B 438 24.58 6.52 1.36
N LYS B 439 24.34 5.74 2.41
CA LYS B 439 25.19 4.64 2.82
C LYS B 439 24.56 3.27 2.59
N SER B 440 23.23 3.21 2.63
CA SER B 440 22.50 1.98 2.30
C SER B 440 21.14 2.27 1.69
N MET B 441 20.58 1.26 1.04
CA MET B 441 19.18 1.28 0.57
C MET B 441 18.54 -0.06 0.89
N SER B 442 17.28 -0.05 1.28
CA SER B 442 16.62 -1.28 1.74
C SER B 442 15.12 -1.31 1.50
N VAL B 443 14.58 -2.53 1.51
CA VAL B 443 13.15 -2.76 1.47
C VAL B 443 12.88 -3.90 2.41
N GLU B 444 11.74 -3.83 3.09
CA GLU B 444 11.25 -4.95 3.89
C GLU B 444 9.73 -4.94 3.94
N ARG B 445 9.15 -6.11 4.18
CA ARG B 445 7.70 -6.22 4.26
C ARG B 445 7.20 -7.27 5.22
N THR B 446 6.12 -6.93 5.92
CA THR B 446 5.44 -7.85 6.82
C THR B 446 4.33 -8.56 6.05
N PHE B 447 4.01 -9.76 6.52
CA PHE B 447 2.94 -10.56 5.96
C PHE B 447 2.45 -11.61 6.94
N SER B 448 1.26 -12.13 6.67
CA SER B 448 0.77 -13.33 7.33
C SER B 448 1.77 -14.43 7.02
N GLU B 449 1.87 -15.39 7.92
CA GLU B 449 2.96 -16.37 7.91
C GLU B 449 3.27 -16.98 6.53
N ILE B 450 4.56 -17.09 6.21
CA ILE B 450 5.02 -17.80 5.03
C ILE B 450 6.02 -18.86 5.48
N ASN B 451 5.68 -20.12 5.27
CA ASN B 451 6.58 -21.25 5.64
C ASN B 451 7.09 -22.10 4.47
N LYS B 452 6.37 -22.11 3.36
CA LYS B 452 6.83 -22.81 2.17
C LYS B 452 8.07 -22.11 1.59
N ALA B 453 9.15 -22.89 1.44
CA ALA B 453 10.42 -22.38 0.91
C ALA B 453 10.27 -21.67 -0.42
N GLU B 454 9.63 -22.33 -1.38
CA GLU B 454 9.47 -21.78 -2.72
C GLU B 454 8.82 -20.39 -2.69
N GLU B 455 7.86 -20.20 -1.79
CA GLU B 455 7.20 -18.91 -1.63
C GLU B 455 8.13 -17.85 -1.05
N GLN B 456 9.01 -18.27 -0.14
CA GLN B 456 10.03 -17.40 0.44
C GLN B 456 11.07 -16.94 -0.59
N TYR B 457 11.48 -17.83 -1.48
CA TYR B 457 12.35 -17.44 -2.61
C TYR B 457 11.66 -16.45 -3.53
N SER B 458 10.39 -16.71 -3.81
CA SER B 458 9.56 -15.85 -4.65
C SER B 458 9.44 -14.44 -4.06
N LEU B 459 9.25 -14.39 -2.74
CA LEU B 459 9.11 -13.11 -2.04
C LEU B 459 10.45 -12.40 -1.89
N CYS B 460 11.53 -13.18 -1.75
CA CYS B 460 12.89 -12.63 -1.79
C CYS B 460 13.15 -11.97 -3.14
N GLN B 461 12.85 -12.70 -4.22
CA GLN B 461 13.06 -12.19 -5.59
C GLN B 461 12.31 -10.91 -5.87
N GLU B 462 11.10 -10.84 -5.34
CA GLU B 462 10.27 -9.65 -5.46
C GLU B 462 10.95 -8.46 -4.80
N LEU B 463 11.39 -8.66 -3.55
CA LEU B 463 12.06 -7.59 -2.78
C LEU B 463 13.35 -7.12 -3.45
N CYS B 464 14.13 -8.06 -3.95
CA CYS B 464 15.34 -7.74 -4.72
C CYS B 464 15.03 -6.92 -5.98
N SER B 465 13.91 -7.21 -6.64
CA SER B 465 13.47 -6.44 -7.82
C SER B 465 13.14 -5.00 -7.47
N GLU B 466 12.34 -4.84 -6.42
CA GLU B 466 11.96 -3.51 -5.92
C GLU B 466 13.16 -2.68 -5.53
N LEU B 467 14.14 -3.34 -4.90
CA LEU B 467 15.35 -2.67 -4.45
C LEU B 467 16.22 -2.23 -5.63
N ALA B 468 16.39 -3.10 -6.61
CA ALA B 468 17.12 -2.78 -7.85
C ALA B 468 16.50 -1.57 -8.56
N GLN B 469 15.18 -1.52 -8.57
CA GLN B 469 14.44 -0.41 -9.16
C GLN B 469 14.73 0.91 -8.44
N ASP B 470 14.77 0.87 -7.11
CA ASP B 470 15.09 2.06 -6.29
C ASP B 470 16.54 2.54 -6.48
N LEU B 471 17.48 1.60 -6.63
CA LEU B 471 18.87 1.93 -6.98
C LEU B 471 18.95 2.59 -8.36
N GLN B 472 18.19 2.04 -9.31
CA GLN B 472 18.12 2.58 -10.68
C GLN B 472 17.85 4.09 -10.67
N LYS B 473 16.90 4.51 -9.82
CA LYS B 473 16.54 5.94 -9.66
C LYS B 473 17.73 6.86 -9.31
N GLU B 474 18.61 6.38 -8.43
CA GLU B 474 19.80 7.16 -7.99
C GLU B 474 21.11 6.69 -8.61
N ARG B 475 21.02 5.79 -9.60
CA ARG B 475 22.18 5.25 -10.33
C ARG B 475 23.30 4.79 -9.41
N LEU B 476 22.92 3.97 -8.43
CA LEU B 476 23.83 3.46 -7.42
C LEU B 476 24.07 1.98 -7.63
N LYS B 477 25.26 1.55 -7.23
CA LYS B 477 25.64 0.14 -7.21
C LYS B 477 26.39 -0.12 -5.91
N GLY B 478 26.19 -1.30 -5.33
CA GLY B 478 26.81 -1.66 -4.05
C GLY B 478 27.45 -3.04 -4.04
N ARG B 479 28.22 -3.32 -2.99
CA ARG B 479 28.99 -4.56 -2.89
C ARG B 479 28.48 -5.52 -1.81
N THR B 480 27.66 -5.04 -0.89
CA THR B 480 27.18 -5.84 0.23
C THR B 480 25.66 -5.99 0.14
N VAL B 481 25.19 -7.23 0.20
CA VAL B 481 23.77 -7.56 0.18
C VAL B 481 23.45 -8.22 1.51
N THR B 482 22.46 -7.69 2.21
CA THR B 482 22.06 -8.16 3.53
C THR B 482 20.57 -8.51 3.55
N ILE B 483 20.24 -9.75 3.88
CA ILE B 483 18.84 -10.13 4.07
C ILE B 483 18.46 -9.99 5.54
N LYS B 484 17.19 -9.66 5.79
CA LYS B 484 16.64 -9.51 7.14
C LYS B 484 15.48 -10.47 7.26
N LEU B 485 15.47 -11.30 8.30
CA LEU B 485 14.41 -12.29 8.50
C LEU B 485 13.83 -12.14 9.89
N LYS B 486 12.51 -12.08 9.98
CA LYS B 486 11.82 -12.02 11.26
C LYS B 486 10.80 -13.15 11.33
N ASN B 487 10.99 -14.06 12.28
CA ASN B 487 10.07 -15.19 12.45
C ASN B 487 8.78 -14.79 13.15
N VAL B 488 7.83 -15.72 13.22
CA VAL B 488 6.50 -15.46 13.83
C VAL B 488 6.53 -15.09 15.31
N ASN B 489 7.62 -15.38 16.00
CA ASN B 489 7.83 -14.93 17.38
C ASN B 489 8.62 -13.61 17.47
N PHE B 490 8.64 -12.85 16.37
CA PHE B 490 9.24 -11.50 16.30
C PHE B 490 10.76 -11.41 16.49
N GLU B 491 11.44 -12.54 16.41
CA GLU B 491 12.89 -12.59 16.56
C GLU B 491 13.49 -12.23 15.22
N VAL B 492 14.56 -11.44 15.23
CA VAL B 492 15.14 -10.88 14.00
C VAL B 492 16.59 -11.33 13.78
N LYS B 493 16.88 -11.79 12.56
CA LYS B 493 18.23 -12.14 12.13
C LYS B 493 18.59 -11.33 10.90
N THR B 494 19.83 -10.87 10.81
CA THR B 494 20.37 -10.32 9.56
C THR B 494 21.50 -11.23 9.09
N ARG B 495 21.59 -11.43 7.78
CA ARG B 495 22.66 -12.20 7.17
C ARG B 495 23.19 -11.50 5.94
N ALA B 496 24.50 -11.26 5.91
CA ALA B 496 25.15 -10.47 4.87
C ALA B 496 26.19 -11.25 4.06
N SER B 497 26.56 -10.67 2.92
CA SER B 497 27.57 -11.22 2.02
C SER B 497 28.13 -10.09 1.17
N THR B 498 29.44 -9.91 1.19
CA THR B 498 30.11 -8.86 0.40
C THR B 498 30.83 -9.49 -0.79
N VAL B 499 30.85 -8.75 -1.90
CA VAL B 499 31.33 -9.24 -3.19
C VAL B 499 32.44 -8.30 -3.70
N SER B 500 33.33 -8.84 -4.53
CA SER B 500 34.46 -8.09 -5.10
C SER B 500 33.96 -6.94 -5.97
N SER B 501 33.26 -7.28 -7.04
CA SER B 501 32.77 -6.32 -8.00
C SER B 501 31.37 -5.87 -7.61
N VAL B 502 31.10 -4.59 -7.87
CA VAL B 502 29.83 -3.98 -7.48
C VAL B 502 28.64 -4.60 -8.24
N VAL B 503 27.48 -4.69 -7.59
CA VAL B 503 26.24 -5.24 -8.17
C VAL B 503 25.09 -4.22 -8.11
N SER B 504 24.02 -4.48 -8.87
CA SER B 504 22.90 -3.51 -8.99
C SER B 504 21.57 -4.04 -9.54
N THR B 505 21.62 -4.98 -10.47
CA THR B 505 20.40 -5.53 -11.08
C THR B 505 19.64 -6.46 -10.12
N ALA B 506 18.36 -6.66 -10.42
CA ALA B 506 17.50 -7.56 -9.63
C ALA B 506 18.01 -8.99 -9.61
N GLU B 507 18.66 -9.41 -10.71
CA GLU B 507 19.19 -10.76 -10.85
C GLU B 507 20.41 -10.94 -9.96
N GLU B 508 21.35 -10.01 -10.08
CA GLU B 508 22.59 -10.00 -9.29
C GLU B 508 22.33 -9.98 -7.79
N ILE B 509 21.47 -9.06 -7.36
CA ILE B 509 21.05 -8.95 -5.96
C ILE B 509 20.34 -10.22 -5.50
N PHE B 510 19.40 -10.71 -6.31
CA PHE B 510 18.70 -11.95 -5.97
C PHE B 510 19.64 -13.16 -5.90
N ALA B 511 20.60 -13.24 -6.82
CA ALA B 511 21.61 -14.32 -6.83
C ALA B 511 22.28 -14.47 -5.45
N ILE B 512 22.73 -13.35 -4.90
CA ILE B 512 23.41 -13.32 -3.61
C ILE B 512 22.43 -13.61 -2.46
N ALA B 513 21.30 -12.91 -2.44
CA ALA B 513 20.29 -13.05 -1.37
C ALA B 513 19.68 -14.45 -1.32
N LYS B 514 19.54 -15.07 -2.49
CA LYS B 514 19.05 -16.45 -2.64
C LYS B 514 19.85 -17.41 -1.78
N GLU B 515 21.18 -17.33 -1.89
CA GLU B 515 22.08 -18.23 -1.14
C GLU B 515 22.07 -17.99 0.36
N LEU B 516 21.99 -16.72 0.77
CA LEU B 516 21.90 -16.36 2.19
C LEU B 516 20.63 -16.94 2.79
N LEU B 517 19.54 -16.81 2.05
CA LEU B 517 18.26 -17.37 2.45
C LEU B 517 18.28 -18.90 2.46
N LYS B 518 18.95 -19.50 1.47
CA LYS B 518 19.13 -20.96 1.41
C LYS B 518 19.80 -21.49 2.68
N THR B 519 20.94 -20.87 3.02
CA THR B 519 21.67 -21.21 4.24
C THR B 519 20.76 -21.26 5.48
N GLU B 520 19.87 -20.28 5.60
CA GLU B 520 18.96 -20.19 6.75
C GLU B 520 17.86 -21.24 6.74
N ILE B 521 17.37 -21.60 5.55
CA ILE B 521 16.38 -22.68 5.41
C ILE B 521 17.03 -24.01 5.75
N ASP B 522 18.24 -24.21 5.24
CA ASP B 522 19.04 -25.42 5.50
C ASP B 522 19.38 -25.61 6.98
N ALA B 523 19.70 -24.52 7.67
CA ALA B 523 20.14 -24.56 9.08
C ALA B 523 19.06 -25.10 10.03
N ASP B 524 17.79 -24.89 9.72
CA ASP B 524 16.68 -25.40 10.53
C ASP B 524 16.18 -26.78 10.11
N PHE B 525 16.65 -27.25 8.95
CA PHE B 525 16.13 -28.47 8.29
C PHE B 525 16.11 -29.67 9.25
N PRO B 526 15.03 -30.45 9.30
CA PRO B 526 13.89 -30.41 8.36
C PRO B 526 12.77 -29.40 8.65
N HIS B 527 12.94 -28.58 9.69
CA HIS B 527 11.90 -27.62 10.05
C HIS B 527 11.87 -26.45 9.06
N PRO B 528 10.65 -25.99 8.72
CA PRO B 528 10.55 -24.86 7.82
C PRO B 528 10.76 -23.54 8.56
N LEU B 529 11.17 -22.50 7.83
CA LEU B 529 11.27 -21.13 8.37
C LEU B 529 9.89 -20.51 8.45
N ARG B 530 9.39 -20.27 9.66
CA ARG B 530 8.10 -19.62 9.86
C ARG B 530 8.29 -18.10 9.94
N LEU B 531 8.20 -17.42 8.79
CA LEU B 531 8.48 -15.98 8.62
C LEU B 531 7.26 -15.11 8.63
N ARG B 532 7.39 -13.91 9.21
CA ARG B 532 6.35 -12.88 9.22
C ARG B 532 6.88 -11.60 8.48
N LEU B 533 8.20 -11.45 8.35
CA LEU B 533 8.77 -10.35 7.61
C LEU B 533 10.08 -10.78 6.97
N MET B 534 10.28 -10.34 5.72
CA MET B 534 11.57 -10.44 5.04
C MET B 534 11.96 -9.05 4.60
N GLY B 535 13.26 -8.84 4.47
CA GLY B 535 13.80 -7.62 3.88
C GLY B 535 15.14 -7.86 3.19
N VAL B 536 15.48 -6.95 2.28
CA VAL B 536 16.77 -6.99 1.59
C VAL B 536 17.36 -5.58 1.65
N ARG B 537 18.65 -5.51 1.90
CA ARG B 537 19.33 -4.23 1.92
C ARG B 537 20.65 -4.34 1.19
N ILE B 538 20.96 -3.27 0.46
CA ILE B 538 22.24 -3.16 -0.24
C ILE B 538 23.05 -2.03 0.40
N SER B 539 24.38 -2.21 0.42
CA SER B 539 25.29 -1.24 1.04
C SER B 539 26.72 -1.40 0.47
N SER B 540 27.65 -0.60 1.00
CA SER B 540 29.05 -0.54 0.56
C SER B 540 29.17 0.08 -0.83
N PHE B 541 28.56 1.25 -0.98
CA PHE B 541 28.66 2.02 -2.22
C PHE B 541 30.07 2.65 -2.28
N PRO B 542 30.56 2.98 -3.49
CA PRO B 542 31.86 3.67 -3.57
C PRO B 542 31.96 5.03 -2.83
N ASN B 543 33.13 5.30 -2.24
CA ASN B 543 33.35 6.48 -1.37
C ASN B 543 33.22 7.81 -2.09
#